data_4I15
#
_entry.id   4I15
#
_cell.length_a   115.007
_cell.length_b   115.337
_cell.length_c   68.506
_cell.angle_alpha   90.00
_cell.angle_beta   108.13
_cell.angle_gamma   90.00
#
_symmetry.space_group_name_H-M   'C 1 2 1'
#
loop_
_entity.id
_entity.type
_entity.pdbx_description
1 polymer 'Class 1 phosphodiesterase PDEB1'
2 non-polymer 'ZINC ION'
3 non-polymer 'MAGNESIUM ION'
4 water water
#
_entity_poly.entity_id   1
_entity_poly.type   'polypeptide(L)'
_entity_poly.pdbx_seq_one_letter_code
;KNVPSRAVKRVTAITKVEREAVLVCELPSFDVTDVEFDLFRARESTDKPLDVAAAIAYRLLLGSGLPQKFGCSDEVLLNF
ILQCRKKYRNVPYHNFYHVVDVCQTIHTFLYRGNVYEKLTELECFVLLITALVHDLDHMGLNNSFYLKTESPLGILSSAS
GNTSVLEVHHCNLAVEILSDPESDVFDGLEGAERTLAFRSMIDCVLATDMAKHGSALEAFLASAADQSSDEAAFHRMTME
IILKAGDISNVTKPFDISRQWAMAVTEEFYRQGDMEKERGVEVLPMFDRSKNMELAKGQIGFIDFVAAPFFQKIVDACLQ
GMQWTVDRIKSNRAQWERVLETR
;
_entity_poly.pdbx_strand_id   A,B
#
# COMPACT_ATOMS: atom_id res chain seq x y z
N VAL A 11 16.21 -2.28 -43.43
CA VAL A 11 16.26 -2.54 -41.95
C VAL A 11 17.63 -2.18 -41.38
N THR A 12 17.78 -0.92 -40.99
CA THR A 12 19.05 -0.44 -40.43
C THR A 12 19.47 -1.28 -39.22
N ALA A 13 20.47 -2.13 -39.43
CA ALA A 13 20.97 -2.99 -38.37
C ALA A 13 21.49 -2.25 -37.15
N ILE A 14 21.31 -2.85 -35.99
CA ILE A 14 21.77 -2.27 -34.72
C ILE A 14 23.28 -2.38 -34.66
N THR A 15 23.93 -1.35 -34.14
CA THR A 15 25.39 -1.32 -34.05
C THR A 15 25.91 -1.89 -32.74
N LYS A 16 27.20 -2.22 -32.71
CA LYS A 16 27.83 -2.76 -31.52
C LYS A 16 27.81 -1.73 -30.40
N VAL A 17 28.03 -0.47 -30.76
CA VAL A 17 28.04 0.62 -29.79
C VAL A 17 26.67 0.79 -29.12
N GLU A 18 25.61 0.56 -29.87
CA GLU A 18 24.27 0.70 -29.32
C GLU A 18 24.01 -0.40 -28.30
N ARG A 19 24.39 -1.63 -28.63
CA ARG A 19 24.19 -2.75 -27.71
C ARG A 19 25.01 -2.52 -26.45
N GLU A 20 26.25 -2.08 -26.61
CA GLU A 20 27.12 -1.84 -25.47
C GLU A 20 26.53 -0.87 -24.45
N ALA A 21 25.90 0.19 -24.93
CA ALA A 21 25.31 1.19 -24.05
C ALA A 21 24.27 0.56 -23.12
N VAL A 22 23.66 -0.54 -23.57
CA VAL A 22 22.66 -1.23 -22.76
C VAL A 22 23.34 -2.22 -21.82
N LEU A 23 24.27 -2.98 -22.36
CA LEU A 23 24.99 -4.00 -21.59
C LEU A 23 25.74 -3.44 -20.37
N VAL A 24 26.13 -2.17 -20.42
CA VAL A 24 26.85 -1.55 -19.32
C VAL A 24 25.97 -1.22 -18.12
N CYS A 25 24.65 -1.33 -18.30
CA CYS A 25 23.72 -1.03 -17.21
C CYS A 25 23.55 -2.26 -16.33
N GLU A 26 23.92 -2.15 -15.06
CA GLU A 26 23.82 -3.28 -14.13
C GLU A 26 22.59 -3.25 -13.24
N LEU A 27 21.85 -2.14 -13.27
CA LEU A 27 20.62 -2.00 -12.48
C LEU A 27 20.80 -2.27 -11.00
N PRO A 28 21.75 -1.57 -10.34
CA PRO A 28 21.97 -1.77 -8.91
C PRO A 28 20.75 -1.42 -8.05
N SER A 29 20.45 -2.29 -7.09
CA SER A 29 19.33 -2.11 -6.15
C SER A 29 17.94 -2.37 -6.73
N PHE A 30 17.88 -3.01 -7.90
CA PHE A 30 16.60 -3.30 -8.52
C PHE A 30 16.36 -4.79 -8.74
N ASP A 31 15.14 -5.23 -8.49
CA ASP A 31 14.74 -6.62 -8.70
C ASP A 31 13.62 -6.50 -9.74
N VAL A 32 13.98 -6.61 -11.00
CA VAL A 32 13.02 -6.49 -12.09
C VAL A 32 11.88 -7.51 -12.05
N THR A 33 12.00 -8.55 -11.24
CA THR A 33 10.96 -9.57 -11.17
C THR A 33 9.91 -9.33 -10.08
N ASP A 34 10.14 -8.31 -9.25
CA ASP A 34 9.22 -8.02 -8.16
C ASP A 34 8.00 -7.20 -8.54
N VAL A 35 6.87 -7.52 -7.94
CA VAL A 35 5.62 -6.82 -8.25
C VAL A 35 5.63 -5.37 -7.79
N GLU A 36 6.61 -5.01 -6.96
CA GLU A 36 6.70 -3.63 -6.48
C GLU A 36 7.84 -2.87 -7.14
N PHE A 37 8.41 -3.46 -8.19
CA PHE A 37 9.49 -2.83 -8.94
C PHE A 37 9.02 -1.44 -9.41
N ASP A 38 9.88 -0.44 -9.24
CA ASP A 38 9.55 0.93 -9.62
C ASP A 38 10.31 1.39 -10.86
N LEU A 39 9.64 1.37 -12.01
CA LEU A 39 10.27 1.79 -13.25
C LEU A 39 10.65 3.27 -13.25
N PHE A 40 9.86 4.08 -12.56
CA PHE A 40 10.16 5.52 -12.50
C PHE A 40 11.46 5.74 -11.73
N ARG A 41 11.65 4.98 -10.65
CA ARG A 41 12.86 5.06 -9.84
C ARG A 41 14.05 4.62 -10.70
N ALA A 42 13.82 3.60 -11.53
CA ALA A 42 14.87 3.10 -12.41
C ALA A 42 15.26 4.15 -13.44
N ARG A 43 14.27 4.91 -13.92
CA ARG A 43 14.51 5.94 -14.91
C ARG A 43 15.27 7.14 -14.34
N GLU A 44 15.04 7.44 -13.07
CA GLU A 44 15.69 8.55 -12.42
C GLU A 44 17.04 8.17 -11.83
N SER A 45 17.42 6.89 -11.96
CA SER A 45 18.68 6.42 -11.41
C SER A 45 19.90 6.79 -12.24
N THR A 46 19.69 7.15 -13.50
CA THR A 46 20.80 7.52 -14.38
C THR A 46 20.37 8.58 -15.39
N ASP A 47 21.34 9.07 -16.17
CA ASP A 47 21.10 10.08 -17.17
C ASP A 47 20.79 9.46 -18.54
N LYS A 48 20.70 8.13 -18.57
CA LYS A 48 20.41 7.41 -19.80
C LYS A 48 19.28 6.42 -19.55
N PRO A 49 18.10 6.93 -19.20
CA PRO A 49 16.92 6.09 -18.91
C PRO A 49 16.53 5.14 -20.05
N LEU A 50 16.78 5.53 -21.29
CA LEU A 50 16.43 4.68 -22.42
C LEU A 50 17.24 3.39 -22.44
N ASP A 51 18.51 3.49 -22.03
CA ASP A 51 19.36 2.30 -21.98
C ASP A 51 18.99 1.45 -20.79
N VAL A 52 18.66 2.09 -19.68
CA VAL A 52 18.26 1.38 -18.46
C VAL A 52 17.00 0.57 -18.75
N ALA A 53 16.04 1.22 -19.42
CA ALA A 53 14.78 0.58 -19.78
C ALA A 53 15.03 -0.63 -20.68
N ALA A 54 15.92 -0.44 -21.66
CA ALA A 54 16.26 -1.53 -22.57
C ALA A 54 16.93 -2.66 -21.78
N ALA A 55 17.80 -2.30 -20.84
CA ALA A 55 18.50 -3.29 -20.02
C ALA A 55 17.52 -4.08 -19.18
N ILE A 56 16.46 -3.41 -18.71
CA ILE A 56 15.46 -4.07 -17.91
C ILE A 56 14.74 -5.13 -18.74
N ALA A 57 14.33 -4.76 -19.95
CA ALA A 57 13.64 -5.70 -20.83
C ALA A 57 14.56 -6.88 -21.16
N TYR A 58 15.83 -6.56 -21.38
CA TYR A 58 16.84 -7.57 -21.71
C TYR A 58 17.01 -8.57 -20.56
N ARG A 59 17.10 -8.07 -19.34
CA ARG A 59 17.26 -8.93 -18.17
C ARG A 59 16.01 -9.78 -17.93
N LEU A 60 14.85 -9.21 -18.18
CA LEU A 60 13.59 -9.94 -17.99
C LEU A 60 13.50 -11.14 -18.94
N LEU A 61 13.79 -10.91 -20.23
CA LEU A 61 13.73 -11.99 -21.20
C LEU A 61 14.80 -13.05 -20.95
N LEU A 62 16.02 -12.63 -20.68
CA LEU A 62 17.08 -13.60 -20.41
C LEU A 62 16.82 -14.36 -19.11
N GLY A 63 16.32 -13.64 -18.11
CA GLY A 63 16.04 -14.27 -16.84
C GLY A 63 14.93 -15.30 -16.92
N SER A 64 14.06 -15.17 -17.91
CA SER A 64 12.96 -16.11 -18.08
C SER A 64 13.52 -17.43 -18.57
N GLY A 65 14.69 -17.37 -19.21
CA GLY A 65 15.34 -18.55 -19.74
C GLY A 65 14.71 -19.05 -21.03
N LEU A 66 13.77 -18.27 -21.57
CA LEU A 66 13.04 -18.64 -22.77
C LEU A 66 13.73 -18.41 -24.12
N PRO A 67 14.35 -17.24 -24.32
CA PRO A 67 15.02 -17.00 -25.60
C PRO A 67 15.98 -18.10 -25.99
N GLN A 68 16.78 -18.54 -25.02
CA GLN A 68 17.77 -19.59 -25.25
C GLN A 68 17.11 -20.87 -25.76
N LYS A 69 15.97 -21.22 -25.18
CA LYS A 69 15.26 -22.44 -25.56
C LYS A 69 14.70 -22.45 -26.98
N PHE A 70 14.53 -21.28 -27.56
CA PHE A 70 13.97 -21.20 -28.90
C PHE A 70 14.96 -20.70 -29.96
N GLY A 71 16.24 -20.90 -29.69
CA GLY A 71 17.26 -20.50 -30.64
C GLY A 71 17.47 -19.00 -30.83
N CYS A 72 17.08 -18.19 -29.83
CA CYS A 72 17.29 -16.75 -29.93
C CYS A 72 18.53 -16.36 -29.13
N SER A 73 19.58 -15.94 -29.83
CA SER A 73 20.82 -15.55 -29.17
C SER A 73 20.65 -14.26 -28.40
N ASP A 74 21.59 -13.99 -27.49
CA ASP A 74 21.54 -12.77 -26.68
C ASP A 74 21.64 -11.54 -27.56
N GLU A 75 22.43 -11.62 -28.63
CA GLU A 75 22.60 -10.49 -29.52
C GLU A 75 21.34 -10.18 -30.32
N VAL A 76 20.71 -11.21 -30.86
CA VAL A 76 19.49 -11.02 -31.63
C VAL A 76 18.41 -10.45 -30.73
N LEU A 77 18.34 -10.95 -29.49
CA LEU A 77 17.35 -10.46 -28.52
C LEU A 77 17.56 -8.97 -28.29
N LEU A 78 18.81 -8.59 -28.05
CA LEU A 78 19.12 -7.19 -27.80
C LEU A 78 18.85 -6.35 -29.05
N ASN A 79 19.17 -6.87 -30.23
CA ASN A 79 18.91 -6.12 -31.46
C ASN A 79 17.42 -5.87 -31.58
N PHE A 80 16.62 -6.89 -31.29
CA PHE A 80 15.17 -6.76 -31.35
C PHE A 80 14.69 -5.66 -30.41
N ILE A 81 15.14 -5.71 -29.16
CA ILE A 81 14.75 -4.71 -28.17
C ILE A 81 15.08 -3.30 -28.64
N LEU A 82 16.26 -3.12 -29.23
CA LEU A 82 16.68 -1.81 -29.70
C LEU A 82 15.90 -1.35 -30.94
N GLN A 83 15.56 -2.29 -31.82
CA GLN A 83 14.78 -1.93 -33.00
C GLN A 83 13.40 -1.46 -32.56
N CYS A 84 12.87 -2.09 -31.50
CA CYS A 84 11.57 -1.68 -30.97
C CYS A 84 11.69 -0.30 -30.36
N ARG A 85 12.74 -0.08 -29.58
CA ARG A 85 12.96 1.20 -28.92
C ARG A 85 13.01 2.37 -29.90
N LYS A 86 13.68 2.17 -31.04
CA LYS A 86 13.78 3.22 -32.06
C LYS A 86 12.43 3.66 -32.62
N LYS A 87 11.44 2.78 -32.53
CA LYS A 87 10.12 3.07 -33.06
C LYS A 87 9.13 3.74 -32.09
N TYR A 88 9.55 3.99 -30.85
CA TYR A 88 8.66 4.67 -29.92
C TYR A 88 8.99 6.14 -29.93
N ARG A 89 7.96 6.97 -29.79
CA ARG A 89 8.12 8.41 -29.82
C ARG A 89 8.12 9.07 -28.46
N ASN A 90 8.48 10.35 -28.45
CA ASN A 90 8.54 11.11 -27.21
C ASN A 90 7.18 11.67 -26.80
N VAL A 91 6.23 10.79 -26.52
CA VAL A 91 4.91 11.20 -26.07
C VAL A 91 4.90 10.97 -24.56
N PRO A 92 3.97 11.59 -23.83
CA PRO A 92 3.88 11.46 -22.37
C PRO A 92 3.66 10.06 -21.79
N TYR A 93 2.80 9.26 -22.43
CA TYR A 93 2.51 7.93 -21.90
C TYR A 93 2.89 6.76 -22.82
N HIS A 94 2.39 6.77 -24.04
CA HIS A 94 2.70 5.67 -24.94
C HIS A 94 4.09 5.72 -25.57
N ASN A 95 5.09 5.71 -24.70
CA ASN A 95 6.49 5.72 -25.12
C ASN A 95 7.12 4.37 -24.76
N PHE A 96 8.43 4.26 -24.93
CA PHE A 96 9.14 3.01 -24.65
C PHE A 96 9.00 2.52 -23.21
N TYR A 97 8.88 3.45 -22.26
CA TYR A 97 8.74 3.05 -20.87
C TYR A 97 7.44 2.31 -20.59
N HIS A 98 6.38 2.67 -21.30
CA HIS A 98 5.09 2.00 -21.11
C HIS A 98 5.18 0.54 -21.55
N VAL A 99 5.82 0.29 -22.69
CA VAL A 99 5.90 -1.10 -23.16
C VAL A 99 6.88 -1.94 -22.33
N VAL A 100 7.93 -1.32 -21.80
CA VAL A 100 8.86 -2.06 -20.95
C VAL A 100 8.11 -2.39 -19.67
N ASP A 101 7.29 -1.45 -19.21
CA ASP A 101 6.50 -1.65 -18.01
C ASP A 101 5.53 -2.81 -18.25
N VAL A 102 4.92 -2.85 -19.43
CA VAL A 102 3.97 -3.92 -19.74
C VAL A 102 4.70 -5.25 -19.76
N CYS A 103 5.91 -5.26 -20.32
CA CYS A 103 6.71 -6.48 -20.38
C CYS A 103 7.02 -6.98 -18.96
N GLN A 104 7.46 -6.07 -18.08
CA GLN A 104 7.79 -6.40 -16.70
C GLN A 104 6.55 -6.86 -15.94
N THR A 105 5.43 -6.19 -16.18
CA THR A 105 4.18 -6.53 -15.51
C THR A 105 3.74 -7.93 -15.93
N ILE A 106 3.79 -8.20 -17.23
CA ILE A 106 3.40 -9.53 -17.71
C ILE A 106 4.31 -10.60 -17.11
N HIS A 107 5.61 -10.29 -16.97
CA HIS A 107 6.53 -11.24 -16.36
C HIS A 107 6.05 -11.59 -14.95
N THR A 108 5.60 -10.59 -14.18
CA THR A 108 5.11 -10.87 -12.84
C THR A 108 3.81 -11.66 -12.88
N PHE A 109 2.95 -11.40 -13.84
CA PHE A 109 1.69 -12.16 -13.91
C PHE A 109 2.00 -13.60 -14.23
N LEU A 110 2.93 -13.82 -15.16
CA LEU A 110 3.32 -15.17 -15.54
C LEU A 110 4.03 -15.95 -14.44
N TYR A 111 5.01 -15.32 -13.80
CA TYR A 111 5.80 -16.01 -12.81
C TYR A 111 5.48 -15.78 -11.33
N ARG A 112 5.00 -14.60 -10.97
CA ARG A 112 4.63 -14.36 -9.58
C ARG A 112 3.18 -14.82 -9.43
N GLY A 113 2.42 -14.66 -10.51
CA GLY A 113 1.01 -15.05 -10.51
C GLY A 113 0.76 -16.46 -11.01
N ASN A 114 1.84 -17.12 -11.41
CA ASN A 114 1.80 -18.51 -11.90
C ASN A 114 0.94 -18.76 -13.12
N VAL A 115 0.66 -17.72 -13.90
CA VAL A 115 -0.14 -17.92 -15.09
C VAL A 115 0.67 -18.72 -16.12
N TYR A 116 1.97 -18.79 -15.93
CA TYR A 116 2.82 -19.56 -16.86
C TYR A 116 2.33 -21.00 -16.92
N GLU A 117 1.69 -21.46 -15.84
CA GLU A 117 1.18 -22.85 -15.79
C GLU A 117 0.10 -23.14 -16.83
N LYS A 118 -0.55 -22.08 -17.32
CA LYS A 118 -1.63 -22.23 -18.29
C LYS A 118 -1.16 -22.15 -19.74
N LEU A 119 0.12 -21.83 -19.93
CA LEU A 119 0.67 -21.65 -21.27
C LEU A 119 1.93 -22.48 -21.55
N THR A 120 2.27 -22.62 -22.83
CA THR A 120 3.47 -23.35 -23.19
C THR A 120 4.62 -22.36 -23.02
N GLU A 121 5.85 -22.85 -23.00
CA GLU A 121 6.99 -21.95 -22.88
C GLU A 121 7.03 -21.00 -24.06
N LEU A 122 6.69 -21.50 -25.25
CA LEU A 122 6.70 -20.66 -26.44
C LEU A 122 5.72 -19.49 -26.28
N GLU A 123 4.53 -19.78 -25.75
CA GLU A 123 3.54 -18.74 -25.56
C GLU A 123 3.99 -17.69 -24.54
N CYS A 124 4.68 -18.13 -23.49
CA CYS A 124 5.18 -17.18 -22.49
C CYS A 124 6.21 -16.29 -23.16
N PHE A 125 7.03 -16.89 -24.02
CA PHE A 125 8.07 -16.16 -24.74
C PHE A 125 7.42 -15.12 -25.66
N VAL A 126 6.41 -15.54 -26.40
CA VAL A 126 5.71 -14.63 -27.30
C VAL A 126 5.08 -13.48 -26.54
N LEU A 127 4.52 -13.75 -25.36
CA LEU A 127 3.89 -12.69 -24.58
C LEU A 127 4.86 -11.60 -24.18
N LEU A 128 6.03 -12.00 -23.68
CA LEU A 128 7.04 -11.05 -23.24
C LEU A 128 7.56 -10.24 -24.43
N ILE A 129 7.73 -10.89 -25.57
CA ILE A 129 8.18 -10.18 -26.77
C ILE A 129 7.07 -9.25 -27.28
N THR A 130 5.83 -9.74 -27.27
CA THR A 130 4.71 -8.95 -27.76
C THR A 130 4.53 -7.66 -26.95
N ALA A 131 4.79 -7.73 -25.65
CA ALA A 131 4.64 -6.53 -24.83
C ALA A 131 5.45 -5.39 -25.41
N LEU A 132 6.66 -5.70 -25.90
CA LEU A 132 7.53 -4.67 -26.46
C LEU A 132 7.12 -4.10 -27.81
N VAL A 133 6.31 -4.83 -28.58
CA VAL A 133 5.89 -4.31 -29.89
C VAL A 133 4.45 -3.79 -29.92
N HIS A 134 3.70 -4.05 -28.85
CA HIS A 134 2.28 -3.72 -28.86
C HIS A 134 1.81 -2.27 -29.07
N ASP A 135 2.71 -1.30 -28.93
CA ASP A 135 2.34 0.11 -29.14
C ASP A 135 3.31 0.83 -30.09
N LEU A 136 4.00 0.06 -30.92
CA LEU A 136 4.97 0.64 -31.86
C LEU A 136 4.50 1.87 -32.63
N ASP A 137 5.31 2.92 -32.59
CA ASP A 137 5.04 4.16 -33.30
C ASP A 137 3.77 4.88 -32.88
N HIS A 138 3.35 4.68 -31.62
CA HIS A 138 2.16 5.35 -31.13
C HIS A 138 2.48 6.84 -31.17
N MET A 139 1.52 7.67 -31.55
CA MET A 139 1.78 9.10 -31.63
C MET A 139 1.00 9.95 -30.62
N GLY A 140 0.57 9.31 -29.54
CA GLY A 140 -0.16 10.01 -28.50
C GLY A 140 -1.60 10.36 -28.79
N LEU A 141 -2.16 9.76 -29.84
CA LEU A 141 -3.54 10.01 -30.25
C LEU A 141 -4.26 8.67 -30.34
N ASN A 142 -5.49 8.58 -29.81
CA ASN A 142 -6.22 7.32 -29.86
C ASN A 142 -6.92 7.09 -31.19
N ASN A 143 -7.45 5.89 -31.39
CA ASN A 143 -8.12 5.55 -32.66
C ASN A 143 -9.22 6.55 -32.99
N SER A 144 -10.00 6.93 -32.00
CA SER A 144 -11.10 7.87 -32.20
C SER A 144 -10.64 9.18 -32.86
N PHE A 145 -9.46 9.67 -32.46
CA PHE A 145 -8.95 10.91 -33.03
C PHE A 145 -8.82 10.80 -34.55
N TYR A 146 -8.23 9.72 -35.02
CA TYR A 146 -8.03 9.52 -36.45
C TYR A 146 -9.34 9.39 -37.21
N LEU A 147 -10.34 8.79 -36.60
CA LEU A 147 -11.63 8.63 -37.24
C LEU A 147 -12.43 9.94 -37.23
N LYS A 148 -12.42 10.64 -36.10
CA LYS A 148 -13.15 11.90 -35.96
C LYS A 148 -12.68 12.94 -36.96
N THR A 149 -11.37 13.04 -37.14
CA THR A 149 -10.76 14.02 -38.03
C THR A 149 -10.61 13.56 -39.47
N GLU A 150 -11.02 12.34 -39.76
CA GLU A 150 -10.89 11.81 -41.11
C GLU A 150 -9.46 11.98 -41.61
N SER A 151 -8.49 11.67 -40.75
CA SER A 151 -7.08 11.79 -41.12
C SER A 151 -6.78 10.64 -42.08
N PRO A 152 -5.69 10.75 -42.86
CA PRO A 152 -5.33 9.70 -43.81
C PRO A 152 -5.35 8.29 -43.22
N LEU A 153 -4.81 8.13 -42.01
CA LEU A 153 -4.78 6.82 -41.38
C LEU A 153 -6.19 6.34 -41.04
N GLY A 154 -7.05 7.27 -40.64
CA GLY A 154 -8.42 6.93 -40.30
C GLY A 154 -9.19 6.52 -41.55
N ILE A 155 -8.98 7.25 -42.64
CA ILE A 155 -9.66 6.96 -43.89
C ILE A 155 -9.28 5.56 -44.38
N LEU A 156 -7.99 5.24 -44.29
CA LEU A 156 -7.51 3.94 -44.72
C LEU A 156 -8.13 2.82 -43.89
N SER A 157 -8.19 3.03 -42.58
CA SER A 157 -8.77 2.03 -41.69
C SER A 157 -10.24 1.78 -42.05
N SER A 158 -10.99 2.86 -42.27
CA SER A 158 -12.39 2.76 -42.63
C SER A 158 -12.57 2.04 -43.96
N ALA A 159 -11.84 2.51 -44.97
CA ALA A 159 -11.92 1.92 -46.30
C ALA A 159 -11.52 0.45 -46.33
N SER A 160 -10.54 0.07 -45.51
CA SER A 160 -10.08 -1.31 -45.49
C SER A 160 -10.90 -2.24 -44.61
N GLY A 161 -11.79 -1.69 -43.79
CA GLY A 161 -12.63 -2.52 -42.96
C GLY A 161 -12.22 -2.84 -41.55
N ASN A 162 -11.17 -2.19 -41.03
CA ASN A 162 -10.75 -2.45 -39.66
C ASN A 162 -10.52 -1.12 -38.94
N THR A 163 -11.37 -0.83 -37.97
CA THR A 163 -11.28 0.42 -37.23
C THR A 163 -10.29 0.43 -36.06
N SER A 164 -9.51 -0.65 -35.91
CA SER A 164 -8.50 -0.70 -34.86
C SER A 164 -7.29 -0.04 -35.52
N VAL A 165 -7.43 1.25 -35.80
CA VAL A 165 -6.41 2.05 -36.46
C VAL A 165 -4.98 1.80 -36.03
N LEU A 166 -4.71 2.10 -34.76
CA LEU A 166 -3.37 1.95 -34.24
C LEU A 166 -2.89 0.52 -34.09
N GLU A 167 -3.75 -0.37 -33.61
CA GLU A 167 -3.35 -1.76 -33.41
C GLU A 167 -2.87 -2.43 -34.70
N VAL A 168 -3.54 -2.19 -35.82
CA VAL A 168 -3.11 -2.80 -37.07
C VAL A 168 -1.76 -2.20 -37.44
N HIS A 169 -1.60 -0.90 -37.19
CA HIS A 169 -0.36 -0.21 -37.46
C HIS A 169 0.79 -0.81 -36.65
N HIS A 170 0.60 -1.01 -35.35
CA HIS A 170 1.65 -1.61 -34.52
C HIS A 170 2.06 -2.98 -35.06
N CYS A 171 1.09 -3.77 -35.49
CA CYS A 171 1.37 -5.11 -36.02
C CYS A 171 2.23 -5.03 -37.27
N ASN A 172 1.95 -4.07 -38.14
CA ASN A 172 2.72 -3.91 -39.37
C ASN A 172 4.19 -3.65 -39.06
N LEU A 173 4.45 -2.79 -38.09
CA LEU A 173 5.81 -2.47 -37.72
C LEU A 173 6.52 -3.63 -37.02
N ALA A 174 5.75 -4.44 -36.28
CA ALA A 174 6.33 -5.58 -35.60
C ALA A 174 6.82 -6.59 -36.65
N VAL A 175 5.98 -6.83 -37.65
CA VAL A 175 6.32 -7.76 -38.73
C VAL A 175 7.58 -7.28 -39.45
N GLU A 176 7.69 -5.97 -39.62
CA GLU A 176 8.84 -5.39 -40.29
C GLU A 176 10.13 -5.69 -39.54
N ILE A 177 10.12 -5.47 -38.23
CA ILE A 177 11.30 -5.73 -37.41
C ILE A 177 11.71 -7.21 -37.45
N LEU A 178 10.74 -8.10 -37.42
CA LEU A 178 11.01 -9.53 -37.43
C LEU A 178 11.34 -10.10 -38.82
N SER A 179 11.27 -9.26 -39.85
CA SER A 179 11.58 -9.72 -41.21
C SER A 179 13.08 -9.80 -41.49
N ASP A 180 13.87 -9.33 -40.53
CA ASP A 180 15.33 -9.34 -40.62
C ASP A 180 15.83 -10.34 -39.57
N PRO A 181 16.52 -11.41 -40.01
CA PRO A 181 17.03 -12.41 -39.06
C PRO A 181 17.80 -11.82 -37.89
N GLU A 182 18.50 -10.71 -38.12
CA GLU A 182 19.29 -10.05 -37.08
C GLU A 182 18.47 -9.59 -35.89
N SER A 183 17.19 -9.32 -36.11
CA SER A 183 16.32 -8.88 -35.02
C SER A 183 15.06 -9.73 -34.92
N ASP A 184 15.10 -10.93 -35.49
CA ASP A 184 13.93 -11.82 -35.44
C ASP A 184 14.08 -12.82 -34.30
N VAL A 185 13.45 -12.53 -33.17
CA VAL A 185 13.50 -13.39 -32.00
C VAL A 185 12.81 -14.73 -32.23
N PHE A 186 12.17 -14.87 -33.39
CA PHE A 186 11.48 -16.11 -33.73
C PHE A 186 12.18 -16.86 -34.87
N ASP A 187 13.37 -16.40 -35.24
CA ASP A 187 14.14 -17.01 -36.32
C ASP A 187 14.50 -18.47 -36.04
N GLY A 188 14.54 -18.83 -34.76
CA GLY A 188 14.86 -20.20 -34.40
C GLY A 188 13.67 -21.13 -34.53
N LEU A 189 12.53 -20.58 -34.94
CA LEU A 189 11.30 -21.35 -35.12
C LEU A 189 10.99 -21.59 -36.60
N GLU A 190 10.24 -22.66 -36.87
CA GLU A 190 9.85 -22.97 -38.24
C GLU A 190 8.52 -23.73 -38.23
N GLY A 191 7.89 -23.84 -39.40
CA GLY A 191 6.63 -24.55 -39.50
C GLY A 191 5.56 -24.00 -38.57
N ALA A 192 4.80 -24.93 -37.98
CA ALA A 192 3.71 -24.59 -37.06
C ALA A 192 4.05 -23.64 -35.91
N GLU A 193 5.21 -23.84 -35.28
CA GLU A 193 5.61 -23.00 -34.16
C GLU A 193 5.81 -21.55 -34.55
N ARG A 194 6.45 -21.33 -35.70
CA ARG A 194 6.69 -19.97 -36.15
C ARG A 194 5.37 -19.29 -36.49
N THR A 195 4.45 -20.04 -37.10
CA THR A 195 3.15 -19.49 -37.46
C THR A 195 2.40 -19.12 -36.19
N LEU A 196 2.43 -20.00 -35.19
CA LEU A 196 1.75 -19.73 -33.93
C LEU A 196 2.34 -18.50 -33.25
N ALA A 197 3.66 -18.35 -33.31
CA ALA A 197 4.30 -17.20 -32.69
C ALA A 197 3.80 -15.90 -33.31
N PHE A 198 3.80 -15.83 -34.64
CA PHE A 198 3.34 -14.62 -35.31
C PHE A 198 1.85 -14.37 -35.16
N ARG A 199 1.04 -15.41 -35.32
CA ARG A 199 -0.41 -15.23 -35.21
C ARG A 199 -0.80 -14.85 -33.79
N SER A 200 -0.18 -15.48 -32.79
CA SER A 200 -0.52 -15.17 -31.41
C SER A 200 -0.08 -13.75 -31.08
N MET A 201 1.12 -13.36 -31.53
CA MET A 201 1.60 -12.01 -31.29
C MET A 201 0.58 -11.01 -31.87
N ILE A 202 0.20 -11.21 -33.13
CA ILE A 202 -0.75 -10.34 -33.78
C ILE A 202 -2.13 -10.36 -33.11
N ASP A 203 -2.62 -11.55 -32.76
CA ASP A 203 -3.92 -11.64 -32.10
C ASP A 203 -3.92 -10.83 -30.82
N CYS A 204 -2.85 -10.95 -30.03
CA CYS A 204 -2.74 -10.21 -28.78
C CYS A 204 -2.73 -8.70 -28.99
N VAL A 205 -1.92 -8.22 -29.94
CA VAL A 205 -1.89 -6.77 -30.19
C VAL A 205 -3.27 -6.26 -30.61
N LEU A 206 -3.94 -6.99 -31.51
CA LEU A 206 -5.26 -6.57 -31.96
C LEU A 206 -6.27 -6.55 -30.80
N ALA A 207 -6.06 -7.41 -29.82
CA ALA A 207 -6.96 -7.48 -28.68
C ALA A 207 -6.80 -6.33 -27.69
N THR A 208 -5.78 -5.50 -27.87
CA THR A 208 -5.58 -4.38 -26.96
C THR A 208 -6.50 -3.19 -27.25
N ASP A 209 -7.23 -3.24 -28.37
CA ASP A 209 -8.16 -2.17 -28.73
C ASP A 209 -9.25 -2.22 -27.66
N MET A 210 -9.37 -1.16 -26.85
CA MET A 210 -10.37 -1.16 -25.79
C MET A 210 -11.82 -1.22 -26.25
N ALA A 211 -12.06 -1.01 -27.54
CA ALA A 211 -13.42 -1.09 -28.05
C ALA A 211 -13.87 -2.56 -27.97
N LYS A 212 -12.90 -3.47 -27.88
CA LYS A 212 -13.19 -4.89 -27.80
C LYS A 212 -13.02 -5.44 -26.39
N HIS A 213 -12.85 -4.54 -25.42
CA HIS A 213 -12.65 -4.95 -24.02
C HIS A 213 -13.72 -5.92 -23.51
N GLY A 214 -14.98 -5.50 -23.59
CA GLY A 214 -16.08 -6.32 -23.11
C GLY A 214 -16.21 -7.68 -23.76
N SER A 215 -16.12 -7.72 -25.09
CA SER A 215 -16.24 -8.98 -25.81
C SER A 215 -15.07 -9.91 -25.53
N ALA A 216 -13.86 -9.34 -25.42
CA ALA A 216 -12.67 -10.14 -25.14
C ALA A 216 -12.75 -10.77 -23.76
N LEU A 217 -13.21 -9.99 -22.78
CA LEU A 217 -13.31 -10.49 -21.42
C LEU A 217 -14.39 -11.57 -21.33
N GLU A 218 -15.53 -11.32 -21.96
CA GLU A 218 -16.64 -12.26 -21.95
C GLU A 218 -16.26 -13.61 -22.57
N ALA A 219 -15.58 -13.57 -23.71
CA ALA A 219 -15.15 -14.81 -24.37
C ALA A 219 -14.16 -15.58 -23.51
N PHE A 220 -13.23 -14.88 -22.88
CA PHE A 220 -12.26 -15.54 -22.02
C PHE A 220 -12.96 -16.22 -20.86
N LEU A 221 -13.86 -15.49 -20.20
CA LEU A 221 -14.58 -16.06 -19.06
C LEU A 221 -15.42 -17.28 -19.48
N ALA A 222 -16.06 -17.21 -20.65
CA ALA A 222 -16.87 -18.33 -21.13
C ALA A 222 -16.00 -19.55 -21.39
N SER A 223 -14.81 -19.32 -21.93
CA SER A 223 -13.88 -20.40 -22.20
C SER A 223 -13.36 -21.01 -20.90
N ALA A 224 -12.99 -20.15 -19.96
CA ALA A 224 -12.48 -20.61 -18.67
C ALA A 224 -13.49 -21.45 -17.91
N ALA A 225 -14.76 -21.10 -18.02
CA ALA A 225 -15.82 -21.82 -17.33
C ALA A 225 -16.20 -23.13 -18.00
N ASP A 226 -15.72 -23.32 -19.23
CA ASP A 226 -16.01 -24.52 -20.02
C ASP A 226 -14.86 -25.51 -20.01
N GLN A 227 -15.03 -26.61 -19.28
CA GLN A 227 -13.99 -27.65 -19.21
C GLN A 227 -13.72 -28.31 -20.55
N SER A 228 -14.65 -28.17 -21.49
CA SER A 228 -14.48 -28.75 -22.82
C SER A 228 -14.14 -27.70 -23.86
N SER A 229 -13.65 -26.55 -23.42
CA SER A 229 -13.28 -25.49 -24.35
C SER A 229 -12.12 -26.01 -25.20
N ASP A 230 -12.06 -25.56 -26.45
CA ASP A 230 -10.97 -25.97 -27.34
C ASP A 230 -9.69 -25.46 -26.66
N GLU A 231 -8.71 -26.33 -26.50
CA GLU A 231 -7.46 -25.97 -25.83
C GLU A 231 -6.71 -24.83 -26.50
N ALA A 232 -6.55 -24.92 -27.82
CA ALA A 232 -5.84 -23.88 -28.56
C ALA A 232 -6.51 -22.53 -28.36
N ALA A 233 -7.84 -22.52 -28.43
CA ALA A 233 -8.62 -21.29 -28.26
C ALA A 233 -8.43 -20.72 -26.85
N PHE A 234 -8.46 -21.59 -25.84
CA PHE A 234 -8.28 -21.14 -24.46
C PHE A 234 -6.89 -20.53 -24.29
N HIS A 235 -5.88 -21.20 -24.84
CA HIS A 235 -4.52 -20.68 -24.72
C HIS A 235 -4.44 -19.30 -25.40
N ARG A 236 -5.01 -19.17 -26.59
CA ARG A 236 -4.95 -17.90 -27.30
C ARG A 236 -5.65 -16.80 -26.51
N MET A 237 -6.83 -17.08 -25.97
CA MET A 237 -7.55 -16.08 -25.20
C MET A 237 -6.83 -15.73 -23.90
N THR A 238 -6.13 -16.69 -23.31
CA THR A 238 -5.40 -16.42 -22.07
C THR A 238 -4.28 -15.44 -22.40
N MET A 239 -3.60 -15.64 -23.54
CA MET A 239 -2.55 -14.72 -23.93
C MET A 239 -3.11 -13.31 -24.16
N GLU A 240 -4.24 -13.22 -24.87
CA GLU A 240 -4.86 -11.93 -25.14
C GLU A 240 -5.24 -11.23 -23.85
N ILE A 241 -5.80 -12.00 -22.91
CA ILE A 241 -6.22 -11.45 -21.63
C ILE A 241 -5.03 -10.97 -20.79
N ILE A 242 -3.92 -11.68 -20.87
CA ILE A 242 -2.73 -11.28 -20.13
C ILE A 242 -2.10 -10.02 -20.72
N LEU A 243 -2.10 -9.87 -22.05
CA LEU A 243 -1.53 -8.64 -22.61
C LEU A 243 -2.46 -7.49 -22.24
N LYS A 244 -3.76 -7.73 -22.31
CA LYS A 244 -4.73 -6.69 -21.95
C LYS A 244 -4.53 -6.31 -20.48
N ALA A 245 -4.35 -7.31 -19.63
CA ALA A 245 -4.16 -7.09 -18.21
C ALA A 245 -2.92 -6.24 -17.97
N GLY A 246 -1.84 -6.55 -18.68
CA GLY A 246 -0.63 -5.77 -18.51
C GLY A 246 -0.85 -4.34 -18.98
N ASP A 247 -1.62 -4.18 -20.05
CA ASP A 247 -1.89 -2.87 -20.62
C ASP A 247 -2.70 -1.96 -19.69
N ILE A 248 -3.59 -2.52 -18.88
CA ILE A 248 -4.37 -1.69 -17.95
C ILE A 248 -4.01 -1.97 -16.49
N SER A 249 -2.75 -2.36 -16.27
CA SER A 249 -2.24 -2.70 -14.95
C SER A 249 -1.76 -1.54 -14.08
N ASN A 250 -1.82 -0.31 -14.57
CA ASN A 250 -1.34 0.82 -13.79
C ASN A 250 -1.95 0.88 -12.38
N VAL A 251 -3.26 0.67 -12.27
CA VAL A 251 -3.91 0.73 -10.95
C VAL A 251 -3.64 -0.48 -10.05
N THR A 252 -2.85 -1.43 -10.52
CA THR A 252 -2.52 -2.61 -9.70
C THR A 252 -1.14 -2.46 -9.08
N LYS A 253 -0.54 -1.29 -9.24
CA LYS A 253 0.80 -1.03 -8.73
C LYS A 253 0.78 -0.18 -7.46
N PRO A 254 1.91 -0.13 -6.73
CA PRO A 254 1.95 0.69 -5.51
C PRO A 254 1.42 2.08 -5.85
N PHE A 255 0.69 2.68 -4.91
CA PHE A 255 0.08 3.98 -5.14
C PHE A 255 0.89 5.04 -5.89
N ASP A 256 2.08 5.36 -5.40
CA ASP A 256 2.89 6.39 -6.04
C ASP A 256 3.23 6.09 -7.49
N ILE A 257 3.48 4.81 -7.78
CA ILE A 257 3.80 4.41 -9.15
C ILE A 257 2.53 4.57 -9.97
N SER A 258 1.41 4.13 -9.42
CA SER A 258 0.12 4.22 -10.09
C SER A 258 -0.23 5.68 -10.39
N ARG A 259 0.05 6.55 -9.43
CA ARG A 259 -0.24 7.96 -9.59
C ARG A 259 0.60 8.60 -10.69
N GLN A 260 1.89 8.25 -10.74
CA GLN A 260 2.77 8.80 -11.76
C GLN A 260 2.31 8.38 -13.17
N TRP A 261 1.84 7.15 -13.31
CA TRP A 261 1.35 6.68 -14.61
C TRP A 261 0.11 7.49 -15.00
N ALA A 262 -0.78 7.68 -14.03
CA ALA A 262 -2.02 8.40 -14.26
C ALA A 262 -1.75 9.84 -14.73
N MET A 263 -0.70 10.45 -14.20
CA MET A 263 -0.38 11.81 -14.60
C MET A 263 0.11 11.87 -16.05
N ALA A 264 0.84 10.84 -16.47
CA ALA A 264 1.34 10.78 -17.83
C ALA A 264 0.17 10.56 -18.80
N VAL A 265 -0.76 9.68 -18.40
CA VAL A 265 -1.94 9.40 -19.21
C VAL A 265 -2.75 10.67 -19.43
N THR A 266 -2.95 11.43 -18.36
CA THR A 266 -3.70 12.67 -18.43
C THR A 266 -3.05 13.72 -19.32
N GLU A 267 -1.73 13.86 -19.22
CA GLU A 267 -1.05 14.86 -20.04
C GLU A 267 -1.14 14.50 -21.52
N GLU A 268 -1.12 13.20 -21.82
CA GLU A 268 -1.22 12.78 -23.21
C GLU A 268 -2.64 13.06 -23.70
N PHE A 269 -3.62 12.75 -22.86
CA PHE A 269 -5.01 13.00 -23.22
C PHE A 269 -5.24 14.49 -23.43
N TYR A 270 -4.64 15.31 -22.58
CA TYR A 270 -4.78 16.76 -22.71
C TYR A 270 -4.20 17.27 -24.02
N ARG A 271 -3.07 16.70 -24.44
CA ARG A 271 -2.46 17.13 -25.69
C ARG A 271 -3.35 16.77 -26.88
N GLN A 272 -4.07 15.65 -26.78
CA GLN A 272 -4.96 15.25 -27.87
C GLN A 272 -6.14 16.21 -27.87
N GLY A 273 -6.65 16.51 -26.68
CA GLY A 273 -7.76 17.42 -26.56
C GLY A 273 -7.45 18.78 -27.15
N ASP A 274 -6.20 19.22 -27.00
CA ASP A 274 -5.80 20.52 -27.54
C ASP A 274 -5.85 20.48 -29.06
N MET A 275 -5.34 19.41 -29.66
CA MET A 275 -5.34 19.26 -31.11
C MET A 275 -6.74 19.11 -31.65
N GLU A 276 -7.63 18.49 -30.87
CA GLU A 276 -9.01 18.30 -31.30
C GLU A 276 -9.73 19.64 -31.34
N LYS A 277 -9.39 20.52 -30.40
CA LYS A 277 -10.01 21.84 -30.34
C LYS A 277 -9.63 22.66 -31.57
N GLU A 278 -8.34 22.63 -31.93
CA GLU A 278 -7.85 23.36 -33.09
C GLU A 278 -8.50 22.84 -34.36
N ARG A 279 -8.79 21.55 -34.39
CA ARG A 279 -9.41 20.92 -35.56
C ARG A 279 -10.93 20.98 -35.51
N GLY A 280 -11.46 21.50 -34.41
CA GLY A 280 -12.90 21.62 -34.27
C GLY A 280 -13.68 20.33 -34.17
N VAL A 281 -13.10 19.30 -33.57
CA VAL A 281 -13.79 18.03 -33.42
C VAL A 281 -14.20 17.84 -31.95
N GLU A 282 -15.05 16.87 -31.68
CA GLU A 282 -15.53 16.61 -30.32
C GLU A 282 -14.38 16.33 -29.35
N VAL A 283 -14.38 17.04 -28.23
CA VAL A 283 -13.36 16.89 -27.20
C VAL A 283 -13.98 16.39 -25.90
N LEU A 284 -13.81 15.11 -25.60
CA LEU A 284 -14.36 14.55 -24.37
C LEU A 284 -13.80 15.27 -23.14
N PRO A 285 -14.63 15.44 -22.09
CA PRO A 285 -14.22 16.11 -20.86
C PRO A 285 -12.86 15.64 -20.34
N MET A 286 -12.63 14.33 -20.42
CA MET A 286 -11.40 13.71 -19.96
C MET A 286 -10.16 14.21 -20.70
N PHE A 287 -10.35 14.75 -21.91
CA PHE A 287 -9.23 15.24 -22.70
C PHE A 287 -9.16 16.78 -22.68
N ASP A 288 -10.05 17.40 -21.90
CA ASP A 288 -10.12 18.85 -21.82
C ASP A 288 -9.35 19.44 -20.64
N ARG A 289 -8.31 20.22 -20.93
CA ARG A 289 -7.51 20.86 -19.89
C ARG A 289 -8.38 21.79 -19.04
N SER A 290 -9.27 22.52 -19.73
CA SER A 290 -10.16 23.47 -19.07
C SER A 290 -11.08 22.87 -18.02
N LYS A 291 -11.47 21.61 -18.19
CA LYS A 291 -12.35 20.97 -17.23
C LYS A 291 -11.61 20.49 -15.98
N ASN A 292 -10.28 20.54 -16.06
CA ASN A 292 -9.40 20.14 -14.95
C ASN A 292 -10.01 19.12 -13.98
N MET A 293 -10.53 18.02 -14.52
CA MET A 293 -11.15 16.99 -13.71
C MET A 293 -10.18 16.45 -12.64
N GLU A 294 -10.72 16.15 -11.46
CA GLU A 294 -9.90 15.66 -10.35
C GLU A 294 -9.40 14.23 -10.54
N LEU A 295 -8.10 14.05 -10.37
CA LEU A 295 -7.44 12.75 -10.52
C LEU A 295 -8.07 11.66 -9.64
N ALA A 296 -8.32 11.97 -8.37
CA ALA A 296 -8.91 10.98 -7.46
C ALA A 296 -10.20 10.38 -7.99
N LYS A 297 -11.11 11.23 -8.47
CA LYS A 297 -12.37 10.75 -9.01
C LYS A 297 -12.14 9.98 -10.31
N GLY A 298 -11.15 10.42 -11.08
CA GLY A 298 -10.83 9.77 -12.34
C GLY A 298 -10.32 8.35 -12.12
N GLN A 299 -9.42 8.21 -11.15
CA GLN A 299 -8.88 6.88 -10.84
C GLN A 299 -9.94 5.98 -10.23
N ILE A 300 -10.73 6.51 -9.30
CA ILE A 300 -11.78 5.70 -8.69
C ILE A 300 -12.78 5.24 -9.76
N GLY A 301 -13.04 6.11 -10.75
CA GLY A 301 -13.98 5.77 -11.80
C GLY A 301 -13.47 4.63 -12.67
N PHE A 302 -12.20 4.70 -13.06
CA PHE A 302 -11.61 3.66 -13.89
C PHE A 302 -11.56 2.35 -13.10
N ILE A 303 -11.23 2.46 -11.81
CA ILE A 303 -11.18 1.29 -10.96
C ILE A 303 -12.55 0.62 -10.88
N ASP A 304 -13.58 1.41 -10.59
CA ASP A 304 -14.92 0.84 -10.44
C ASP A 304 -15.58 0.30 -11.71
N PHE A 305 -15.40 1.00 -12.81
CA PHE A 305 -16.03 0.60 -14.06
C PHE A 305 -15.21 -0.29 -14.99
N VAL A 306 -13.90 -0.28 -14.83
CA VAL A 306 -13.05 -1.08 -15.71
C VAL A 306 -12.09 -2.05 -15.04
N ALA A 307 -11.11 -1.53 -14.30
CA ALA A 307 -10.10 -2.36 -13.67
C ALA A 307 -10.54 -3.35 -12.60
N ALA A 308 -11.27 -2.89 -11.59
CA ALA A 308 -11.70 -3.80 -10.53
C ALA A 308 -12.47 -5.01 -11.06
N PRO A 309 -13.53 -4.79 -11.85
CA PRO A 309 -14.27 -5.94 -12.36
C PRO A 309 -13.44 -6.84 -13.28
N PHE A 310 -12.58 -6.24 -14.11
CA PHE A 310 -11.74 -7.03 -15.01
C PHE A 310 -10.83 -7.98 -14.25
N PHE A 311 -10.03 -7.45 -13.33
CA PHE A 311 -9.12 -8.29 -12.58
C PHE A 311 -9.85 -9.25 -11.65
N GLN A 312 -10.92 -8.80 -10.99
CA GLN A 312 -11.64 -9.70 -10.11
C GLN A 312 -12.18 -10.90 -10.89
N LYS A 313 -12.78 -10.61 -12.05
CA LYS A 313 -13.36 -11.65 -12.88
C LYS A 313 -12.35 -12.67 -13.41
N ILE A 314 -11.20 -12.21 -13.90
CA ILE A 314 -10.23 -13.18 -14.41
C ILE A 314 -9.56 -13.96 -13.30
N VAL A 315 -9.37 -13.32 -12.14
CA VAL A 315 -8.78 -14.01 -11.01
C VAL A 315 -9.74 -15.08 -10.51
N ASP A 316 -11.01 -14.73 -10.36
CA ASP A 316 -12.01 -15.68 -9.89
C ASP A 316 -12.25 -16.82 -10.85
N ALA A 317 -12.21 -16.52 -12.15
CA ALA A 317 -12.46 -17.51 -13.18
C ALA A 317 -11.33 -18.50 -13.42
N CYS A 318 -10.09 -18.10 -13.17
CA CYS A 318 -9.00 -19.00 -13.48
C CYS A 318 -7.61 -18.61 -12.98
N LEU A 319 -7.32 -17.31 -12.98
CA LEU A 319 -6.01 -16.84 -12.59
C LEU A 319 -5.89 -16.50 -11.10
N GLN A 320 -6.17 -17.49 -10.25
CA GLN A 320 -6.12 -17.31 -8.80
C GLN A 320 -4.82 -16.73 -8.27
N GLY A 321 -3.71 -17.03 -8.95
CA GLY A 321 -2.41 -16.54 -8.51
C GLY A 321 -2.22 -15.03 -8.62
N MET A 322 -3.10 -14.35 -9.36
CA MET A 322 -3.00 -12.90 -9.53
C MET A 322 -3.86 -12.14 -8.53
N GLN A 323 -4.25 -12.79 -7.45
CA GLN A 323 -5.10 -12.17 -6.44
C GLN A 323 -4.57 -10.82 -5.95
N TRP A 324 -3.25 -10.67 -5.89
CA TRP A 324 -2.65 -9.42 -5.42
C TRP A 324 -3.05 -8.19 -6.22
N THR A 325 -3.38 -8.35 -7.50
CA THR A 325 -3.78 -7.21 -8.30
C THR A 325 -5.10 -6.67 -7.77
N VAL A 326 -6.00 -7.58 -7.40
CA VAL A 326 -7.29 -7.20 -6.86
C VAL A 326 -7.06 -6.50 -5.52
N ASP A 327 -6.19 -7.07 -4.70
CA ASP A 327 -5.89 -6.49 -3.39
C ASP A 327 -5.34 -5.06 -3.52
N ARG A 328 -4.40 -4.86 -4.44
CA ARG A 328 -3.80 -3.54 -4.64
C ARG A 328 -4.79 -2.53 -5.20
N ILE A 329 -5.66 -2.98 -6.10
CA ILE A 329 -6.67 -2.09 -6.66
C ILE A 329 -7.56 -1.62 -5.51
N LYS A 330 -7.89 -2.54 -4.62
CA LYS A 330 -8.74 -2.22 -3.47
C LYS A 330 -8.02 -1.21 -2.57
N SER A 331 -6.72 -1.46 -2.34
CA SER A 331 -5.92 -0.58 -1.50
C SER A 331 -5.79 0.81 -2.13
N ASN A 332 -5.54 0.86 -3.44
CA ASN A 332 -5.42 2.15 -4.11
C ASN A 332 -6.74 2.93 -4.11
N ARG A 333 -7.86 2.23 -4.25
CA ARG A 333 -9.16 2.90 -4.24
C ARG A 333 -9.36 3.56 -2.88
N ALA A 334 -9.05 2.80 -1.83
CA ALA A 334 -9.22 3.30 -0.46
C ALA A 334 -8.34 4.53 -0.24
N GLN A 335 -7.15 4.53 -0.84
CA GLN A 335 -6.22 5.64 -0.73
C GLN A 335 -6.79 6.87 -1.44
N TRP A 336 -7.37 6.68 -2.62
CA TRP A 336 -7.96 7.82 -3.33
C TRP A 336 -9.17 8.33 -2.55
N GLU A 337 -9.88 7.42 -1.87
CA GLU A 337 -11.03 7.83 -1.07
C GLU A 337 -10.57 8.69 0.11
N ARG A 338 -9.39 8.38 0.65
CA ARG A 338 -8.84 9.16 1.77
C ARG A 338 -8.45 10.54 1.25
N VAL A 339 -8.01 10.61 -0.01
CA VAL A 339 -7.64 11.89 -0.60
C VAL A 339 -8.91 12.74 -0.70
N LEU A 340 -10.02 12.12 -1.08
CA LEU A 340 -11.27 12.85 -1.18
C LEU A 340 -11.78 13.25 0.19
N GLU A 341 -11.71 12.32 1.14
CA GLU A 341 -12.19 12.58 2.49
C GLU A 341 -11.47 13.73 3.20
N THR A 342 -10.20 13.92 2.90
CA THR A 342 -9.42 14.98 3.53
C THR A 342 -9.28 16.26 2.72
N ARG A 343 -9.91 16.31 1.54
CA ARG A 343 -9.82 17.50 0.71
C ARG A 343 -10.58 18.67 1.33
N VAL B 11 -26.00 5.12 17.40
CA VAL B 11 -24.91 4.24 17.93
C VAL B 11 -25.33 2.77 17.83
N THR B 12 -25.07 2.16 16.67
CA THR B 12 -25.42 0.77 16.42
C THR B 12 -24.87 -0.15 17.51
N ALA B 13 -25.76 -0.62 18.38
CA ALA B 13 -25.36 -1.51 19.47
C ALA B 13 -24.77 -2.79 18.92
N ILE B 14 -24.02 -3.51 19.76
CA ILE B 14 -23.39 -4.76 19.37
C ILE B 14 -24.39 -5.91 19.47
N THR B 15 -24.27 -6.87 18.55
CA THR B 15 -25.16 -8.02 18.52
C THR B 15 -24.55 -9.20 19.28
N LYS B 16 -25.40 -10.08 19.79
CA LYS B 16 -24.93 -11.24 20.52
C LYS B 16 -24.00 -12.05 19.63
N VAL B 17 -24.25 -11.98 18.32
CA VAL B 17 -23.44 -12.71 17.35
C VAL B 17 -22.01 -12.16 17.35
N GLU B 18 -21.89 -10.84 17.41
CA GLU B 18 -20.58 -10.21 17.43
C GLU B 18 -19.80 -10.65 18.67
N ARG B 19 -20.49 -10.67 19.81
CA ARG B 19 -19.88 -11.06 21.07
C ARG B 19 -19.41 -12.52 21.05
N GLU B 20 -20.27 -13.41 20.57
CA GLU B 20 -19.95 -14.83 20.50
C GLU B 20 -18.67 -15.09 19.71
N ALA B 21 -18.51 -14.39 18.59
CA ALA B 21 -17.32 -14.56 17.75
C ALA B 21 -16.04 -14.33 18.56
N VAL B 22 -16.16 -13.55 19.63
CA VAL B 22 -15.01 -13.25 20.48
C VAL B 22 -14.89 -14.26 21.61
N LEU B 23 -15.99 -14.52 22.30
CA LEU B 23 -15.99 -15.44 23.42
C LEU B 23 -15.49 -16.85 23.08
N VAL B 24 -15.49 -17.19 21.80
CA VAL B 24 -15.05 -18.51 21.35
C VAL B 24 -13.52 -18.65 21.27
N CYS B 25 -12.83 -17.54 21.07
CA CYS B 25 -11.37 -17.56 20.95
C CYS B 25 -10.58 -18.00 22.19
N GLU B 26 -9.89 -17.05 22.82
CA GLU B 26 -9.06 -17.35 23.99
C GLU B 26 -8.14 -18.53 23.68
N LEU B 27 -7.32 -18.35 22.66
CA LEU B 27 -6.39 -19.37 22.19
C LEU B 27 -5.31 -19.74 23.21
N PRO B 28 -5.03 -21.05 23.36
CA PRO B 28 -4.01 -21.53 24.29
C PRO B 28 -2.61 -21.17 23.81
N SER B 29 -1.61 -21.48 24.63
CA SER B 29 -0.20 -21.22 24.33
C SER B 29 0.20 -19.76 24.50
N PHE B 30 -0.78 -18.90 24.79
CA PHE B 30 -0.50 -17.48 24.97
C PHE B 30 -0.72 -16.99 26.39
N ASP B 31 0.22 -16.17 26.87
CA ASP B 31 0.13 -15.56 28.19
C ASP B 31 0.11 -14.06 27.91
N VAL B 32 -1.09 -13.48 27.88
CA VAL B 32 -1.25 -12.07 27.58
C VAL B 32 -0.61 -11.11 28.59
N THR B 33 -0.24 -11.62 29.76
CA THR B 33 0.38 -10.75 30.77
C THR B 33 1.91 -10.71 30.70
N ASP B 34 2.50 -11.52 29.83
CA ASP B 34 3.95 -11.58 29.72
C ASP B 34 4.56 -10.48 28.85
N VAL B 35 5.71 -9.96 29.28
CA VAL B 35 6.38 -8.91 28.53
C VAL B 35 6.88 -9.42 27.18
N GLU B 36 6.90 -10.74 27.01
CA GLU B 36 7.36 -11.33 25.76
C GLU B 36 6.22 -11.74 24.85
N PHE B 37 4.99 -11.46 25.29
CA PHE B 37 3.81 -11.77 24.50
C PHE B 37 3.99 -11.26 23.07
N ASP B 38 3.63 -12.10 22.10
CA ASP B 38 3.77 -11.75 20.68
C ASP B 38 2.41 -11.59 20.01
N LEU B 39 1.96 -10.35 19.84
CA LEU B 39 0.67 -10.09 19.20
C LEU B 39 0.66 -10.51 17.73
N PHE B 40 1.79 -10.38 17.05
CA PHE B 40 1.85 -10.78 15.65
C PHE B 40 1.64 -12.28 15.52
N ARG B 41 2.26 -13.04 16.41
CA ARG B 41 2.09 -14.49 16.40
C ARG B 41 0.62 -14.82 16.65
N ALA B 42 0.01 -14.09 17.57
CA ALA B 42 -1.39 -14.29 17.90
C ALA B 42 -2.31 -13.98 16.70
N ARG B 43 -1.97 -12.95 15.94
CA ARG B 43 -2.77 -12.56 14.77
C ARG B 43 -2.68 -13.60 13.66
N GLU B 44 -1.56 -14.31 13.61
CA GLU B 44 -1.34 -15.33 12.58
C GLU B 44 -1.76 -16.73 13.02
N SER B 45 -2.27 -16.86 14.24
CA SER B 45 -2.67 -18.15 14.75
C SER B 45 -4.09 -18.54 14.35
N THR B 46 -4.83 -17.59 13.78
CA THR B 46 -6.19 -17.83 13.34
C THR B 46 -6.50 -17.00 12.10
N ASP B 47 -7.60 -17.32 11.43
CA ASP B 47 -7.99 -16.59 10.23
C ASP B 47 -8.95 -15.46 10.60
N LYS B 48 -9.06 -15.19 11.90
CA LYS B 48 -9.92 -14.12 12.40
C LYS B 48 -9.15 -13.33 13.45
N PRO B 49 -8.06 -12.68 13.03
CA PRO B 49 -7.22 -11.89 13.93
C PRO B 49 -7.96 -10.79 14.70
N LEU B 50 -9.00 -10.22 14.10
CA LEU B 50 -9.75 -9.16 14.79
C LEU B 50 -10.52 -9.69 15.98
N ASP B 51 -10.89 -10.97 15.93
CA ASP B 51 -11.61 -11.56 17.05
C ASP B 51 -10.60 -11.96 18.13
N VAL B 52 -9.45 -12.46 17.70
CA VAL B 52 -8.40 -12.83 18.65
C VAL B 52 -7.91 -11.58 19.36
N ALA B 53 -7.74 -10.50 18.61
CA ALA B 53 -7.29 -9.24 19.19
C ALA B 53 -8.28 -8.76 20.25
N ALA B 54 -9.57 -8.88 19.93
CA ALA B 54 -10.63 -8.48 20.85
C ALA B 54 -10.61 -9.36 22.10
N ALA B 55 -10.33 -10.65 21.89
CA ALA B 55 -10.28 -11.60 23.00
C ALA B 55 -9.13 -11.29 23.95
N ILE B 56 -8.00 -10.85 23.38
CA ILE B 56 -6.83 -10.51 24.17
C ILE B 56 -7.13 -9.31 25.07
N ALA B 57 -7.78 -8.31 24.51
CA ALA B 57 -8.14 -7.12 25.28
C ALA B 57 -9.12 -7.52 26.38
N TYR B 58 -10.09 -8.36 26.02
CA TYR B 58 -11.10 -8.85 26.94
C TYR B 58 -10.46 -9.61 28.10
N ARG B 59 -9.49 -10.46 27.78
CA ARG B 59 -8.79 -11.26 28.78
C ARG B 59 -7.95 -10.40 29.73
N LEU B 60 -7.27 -9.40 29.17
CA LEU B 60 -6.45 -8.49 29.95
C LEU B 60 -7.28 -7.73 30.97
N LEU B 61 -8.39 -7.18 30.52
CA LEU B 61 -9.26 -6.41 31.41
C LEU B 61 -9.90 -7.26 32.50
N LEU B 62 -10.46 -8.40 32.13
CA LEU B 62 -11.09 -9.27 33.13
C LEU B 62 -10.05 -9.85 34.08
N GLY B 63 -8.88 -10.16 33.54
CA GLY B 63 -7.81 -10.73 34.36
C GLY B 63 -7.29 -9.77 35.41
N SER B 64 -7.41 -8.47 35.15
CA SER B 64 -6.95 -7.47 36.10
C SER B 64 -7.89 -7.44 37.29
N GLY B 65 -9.09 -7.98 37.11
CA GLY B 65 -10.10 -8.01 38.16
C GLY B 65 -10.68 -6.64 38.44
N LEU B 66 -10.35 -5.66 37.61
CA LEU B 66 -10.83 -4.29 37.79
C LEU B 66 -12.27 -3.99 37.38
N PRO B 67 -12.67 -4.40 36.15
CA PRO B 67 -14.04 -4.13 35.71
C PRO B 67 -15.09 -4.56 36.74
N GLN B 68 -14.93 -5.78 37.24
CA GLN B 68 -15.85 -6.34 38.23
C GLN B 68 -16.01 -5.39 39.42
N LYS B 69 -14.89 -4.84 39.88
CA LYS B 69 -14.89 -3.94 41.03
C LYS B 69 -15.56 -2.59 40.83
N PHE B 70 -15.75 -2.19 39.58
CA PHE B 70 -16.36 -0.89 39.33
C PHE B 70 -17.73 -0.97 38.67
N GLY B 71 -18.41 -2.09 38.87
CA GLY B 71 -19.74 -2.27 38.33
C GLY B 71 -19.85 -2.45 36.83
N CYS B 72 -18.77 -2.85 36.19
CA CYS B 72 -18.79 -3.05 34.74
C CYS B 72 -18.92 -4.54 34.44
N SER B 73 -20.10 -4.95 33.98
CA SER B 73 -20.34 -6.35 33.67
C SER B 73 -19.49 -6.84 32.51
N ASP B 74 -19.36 -8.16 32.41
CA ASP B 74 -18.59 -8.78 31.35
C ASP B 74 -19.13 -8.40 29.97
N GLU B 75 -20.46 -8.29 29.89
CA GLU B 75 -21.11 -7.95 28.63
C GLU B 75 -20.83 -6.51 28.20
N VAL B 76 -20.95 -5.59 29.15
CA VAL B 76 -20.70 -4.19 28.86
C VAL B 76 -19.25 -4.01 28.42
N LEU B 77 -18.34 -4.72 29.09
CA LEU B 77 -16.93 -4.64 28.76
C LEU B 77 -16.70 -5.09 27.32
N LEU B 78 -17.27 -6.24 26.97
CA LEU B 78 -17.12 -6.77 25.62
C LEU B 78 -17.75 -5.84 24.58
N ASN B 79 -18.90 -5.23 24.93
CA ASN B 79 -19.56 -4.31 24.00
C ASN B 79 -18.64 -3.12 23.74
N PHE B 80 -18.06 -2.60 24.81
CA PHE B 80 -17.14 -1.46 24.69
C PHE B 80 -15.97 -1.81 23.77
N ILE B 81 -15.36 -2.97 23.99
CA ILE B 81 -14.23 -3.39 23.18
C ILE B 81 -14.63 -3.47 21.70
N LEU B 82 -15.82 -4.02 21.43
CA LEU B 82 -16.27 -4.14 20.05
C LEU B 82 -16.64 -2.80 19.44
N GLN B 83 -17.12 -1.86 20.26
CA GLN B 83 -17.46 -0.53 19.76
C GLN B 83 -16.17 0.15 19.32
N CYS B 84 -15.11 -0.03 20.11
CA CYS B 84 -13.83 0.57 19.79
C CYS B 84 -13.29 -0.03 18.50
N ARG B 85 -13.31 -1.36 18.42
CA ARG B 85 -12.81 -2.07 17.25
C ARG B 85 -13.42 -1.57 15.95
N LYS B 86 -14.73 -1.32 15.97
CA LYS B 86 -15.43 -0.85 14.78
C LYS B 86 -14.98 0.52 14.27
N LYS B 87 -14.40 1.32 15.16
CA LYS B 87 -13.95 2.66 14.80
C LYS B 87 -12.49 2.75 14.33
N TYR B 88 -11.80 1.61 14.22
CA TYR B 88 -10.43 1.63 13.71
C TYR B 88 -10.44 1.25 12.24
N ARG B 89 -9.60 1.92 11.46
CA ARG B 89 -9.55 1.66 10.04
C ARG B 89 -8.49 0.66 9.64
N ASN B 90 -8.55 0.21 8.40
CA ASN B 90 -7.61 -0.77 7.89
C ASN B 90 -6.33 -0.08 7.39
N VAL B 91 -5.64 0.62 8.30
CA VAL B 91 -4.40 1.30 7.96
C VAL B 91 -3.28 0.38 8.42
N PRO B 92 -2.04 0.61 7.96
CA PRO B 92 -0.91 -0.24 8.35
C PRO B 92 -0.52 -0.32 9.83
N TYR B 93 -0.60 0.80 10.53
CA TYR B 93 -0.18 0.83 11.93
C TYR B 93 -1.24 1.24 12.94
N HIS B 94 -1.84 2.42 12.76
CA HIS B 94 -2.83 2.88 13.71
C HIS B 94 -4.19 2.21 13.56
N ASN B 95 -4.18 0.88 13.63
CA ASN B 95 -5.37 0.06 13.54
C ASN B 95 -5.71 -0.53 14.91
N PHE B 96 -6.69 -1.43 14.97
CA PHE B 96 -7.09 -2.04 16.24
C PHE B 96 -5.96 -2.77 16.96
N TYR B 97 -5.04 -3.36 16.20
CA TYR B 97 -3.93 -4.11 16.81
C TYR B 97 -3.00 -3.21 17.60
N HIS B 98 -2.78 -1.99 17.12
CA HIS B 98 -1.92 -1.05 17.83
C HIS B 98 -2.49 -0.75 19.21
N VAL B 99 -3.79 -0.48 19.29
CA VAL B 99 -4.36 -0.15 20.60
C VAL B 99 -4.46 -1.34 21.53
N VAL B 100 -4.66 -2.54 20.98
CA VAL B 100 -4.71 -3.73 21.82
C VAL B 100 -3.30 -3.95 22.37
N ASP B 101 -2.30 -3.65 21.54
CA ASP B 101 -0.91 -3.78 21.94
C ASP B 101 -0.60 -2.79 23.05
N VAL B 102 -1.10 -1.56 22.90
CA VAL B 102 -0.85 -0.54 23.92
C VAL B 102 -1.52 -0.97 25.22
N CYS B 103 -2.70 -1.55 25.13
CA CYS B 103 -3.41 -2.02 26.31
C CYS B 103 -2.62 -3.12 27.01
N GLN B 104 -2.13 -4.08 26.23
CA GLN B 104 -1.35 -5.19 26.75
C GLN B 104 -0.05 -4.71 27.37
N THR B 105 0.58 -3.75 26.70
CA THR B 105 1.85 -3.20 27.16
C THR B 105 1.67 -2.44 28.46
N ILE B 106 0.61 -1.64 28.54
CA ILE B 106 0.34 -0.90 29.77
C ILE B 106 0.12 -1.88 30.91
N HIS B 107 -0.56 -2.98 30.63
CA HIS B 107 -0.82 -3.99 31.64
C HIS B 107 0.51 -4.49 32.19
N THR B 108 1.49 -4.72 31.31
CA THR B 108 2.79 -5.19 31.80
C THR B 108 3.50 -4.12 32.62
N PHE B 109 3.41 -2.86 32.19
CA PHE B 109 4.05 -1.78 32.95
C PHE B 109 3.46 -1.68 34.35
N LEU B 110 2.14 -1.76 34.44
CA LEU B 110 1.47 -1.70 35.73
C LEU B 110 1.72 -2.90 36.64
N TYR B 111 1.60 -4.10 36.08
CA TYR B 111 1.74 -5.29 36.90
C TYR B 111 3.07 -6.06 36.88
N ARG B 112 3.87 -5.92 35.83
CA ARG B 112 5.17 -6.57 35.80
C ARG B 112 6.19 -5.51 36.25
N GLY B 113 5.89 -4.25 35.93
CA GLY B 113 6.75 -3.15 36.30
C GLY B 113 6.36 -2.53 37.63
N ASN B 114 5.30 -3.07 38.23
CA ASN B 114 4.79 -2.61 39.51
C ASN B 114 4.33 -1.16 39.59
N VAL B 115 4.05 -0.54 38.46
CA VAL B 115 3.61 0.85 38.49
C VAL B 115 2.21 0.96 39.12
N TYR B 116 1.50 -0.16 39.24
CA TYR B 116 0.17 -0.13 39.85
C TYR B 116 0.24 0.39 41.28
N GLU B 117 1.40 0.24 41.92
CA GLU B 117 1.58 0.70 43.30
C GLU B 117 1.44 2.21 43.43
N LYS B 118 1.68 2.92 42.33
CA LYS B 118 1.61 4.39 42.33
C LYS B 118 0.22 4.93 42.00
N LEU B 119 -0.70 4.05 41.64
CA LEU B 119 -2.04 4.48 41.23
C LEU B 119 -3.17 3.78 41.95
N THR B 120 -4.36 4.39 41.93
CA THR B 120 -5.50 3.75 42.57
C THR B 120 -5.99 2.68 41.60
N GLU B 121 -6.83 1.77 42.09
CA GLU B 121 -7.34 0.73 41.19
C GLU B 121 -8.17 1.35 40.06
N LEU B 122 -8.92 2.41 40.39
CA LEU B 122 -9.73 3.06 39.38
C LEU B 122 -8.86 3.62 38.26
N GLU B 123 -7.74 4.23 38.63
CA GLU B 123 -6.84 4.81 37.65
C GLU B 123 -6.23 3.73 36.74
N CYS B 124 -5.94 2.56 37.31
CA CYS B 124 -5.39 1.47 36.50
C CYS B 124 -6.46 1.01 35.51
N PHE B 125 -7.69 0.93 35.98
CA PHE B 125 -8.82 0.53 35.14
C PHE B 125 -8.96 1.53 33.98
N VAL B 126 -8.96 2.82 34.32
CA VAL B 126 -9.08 3.84 33.28
C VAL B 126 -7.97 3.74 32.25
N LEU B 127 -6.74 3.49 32.70
CA LEU B 127 -5.62 3.38 31.76
C LEU B 127 -5.80 2.26 30.74
N LEU B 128 -6.23 1.09 31.22
CA LEU B 128 -6.42 -0.05 30.34
C LEU B 128 -7.54 0.25 29.34
N ILE B 129 -8.61 0.89 29.81
CA ILE B 129 -9.73 1.27 28.95
C ILE B 129 -9.29 2.34 27.96
N THR B 130 -8.58 3.35 28.45
CA THR B 130 -8.13 4.45 27.60
C THR B 130 -7.23 3.98 26.47
N ALA B 131 -6.41 2.96 26.72
CA ALA B 131 -5.54 2.46 25.68
C ALA B 131 -6.36 2.07 24.44
N LEU B 132 -7.55 1.54 24.66
CA LEU B 132 -8.39 1.09 23.55
C LEU B 132 -9.07 2.20 22.75
N VAL B 133 -9.20 3.39 23.34
CA VAL B 133 -9.84 4.50 22.63
C VAL B 133 -8.87 5.59 22.16
N HIS B 134 -7.61 5.51 22.58
CA HIS B 134 -6.66 6.57 22.26
C HIS B 134 -6.30 6.93 20.83
N ASP B 135 -6.68 6.10 19.86
CA ASP B 135 -6.40 6.38 18.44
C ASP B 135 -7.62 6.18 17.54
N LEU B 136 -8.81 6.21 18.14
CA LEU B 136 -10.06 6.00 17.39
C LEU B 136 -10.18 6.76 16.07
N ASP B 137 -10.48 6.02 15.01
CA ASP B 137 -10.70 6.57 13.67
C ASP B 137 -9.48 7.23 13.02
N HIS B 138 -8.29 6.78 13.41
CA HIS B 138 -7.05 7.31 12.83
C HIS B 138 -7.07 6.93 11.35
N MET B 139 -6.63 7.84 10.48
CA MET B 139 -6.62 7.59 9.03
C MET B 139 -5.23 7.28 8.49
N GLY B 140 -4.24 7.22 9.38
CA GLY B 140 -2.88 6.95 8.93
C GLY B 140 -2.15 8.23 8.55
N LEU B 141 -2.70 9.36 8.98
CA LEU B 141 -2.11 10.66 8.69
C LEU B 141 -1.91 11.38 10.03
N ASN B 142 -0.77 12.03 10.22
CA ASN B 142 -0.53 12.71 11.50
C ASN B 142 -1.09 14.13 11.50
N ASN B 143 -1.04 14.78 12.68
CA ASN B 143 -1.56 16.13 12.82
C ASN B 143 -1.01 17.09 11.78
N SER B 144 0.29 17.02 11.54
CA SER B 144 0.95 17.90 10.58
C SER B 144 0.31 17.83 9.20
N PHE B 145 -0.13 16.65 8.79
CA PHE B 145 -0.76 16.52 7.48
C PHE B 145 -2.00 17.40 7.37
N TYR B 146 -2.88 17.31 8.35
CA TYR B 146 -4.11 18.09 8.32
C TYR B 146 -3.86 19.60 8.32
N LEU B 147 -2.83 20.03 9.04
CA LEU B 147 -2.49 21.43 9.13
C LEU B 147 -1.77 21.91 7.86
N LYS B 148 -0.82 21.12 7.37
CA LYS B 148 -0.06 21.48 6.17
C LYS B 148 -0.93 21.58 4.91
N THR B 149 -1.92 20.70 4.79
CA THR B 149 -2.79 20.68 3.63
C THR B 149 -4.05 21.50 3.82
N GLU B 150 -4.22 22.06 5.01
CA GLU B 150 -5.41 22.84 5.32
C GLU B 150 -6.65 22.00 5.06
N SER B 151 -6.61 20.77 5.55
CA SER B 151 -7.72 19.83 5.45
C SER B 151 -8.79 20.38 6.40
N PRO B 152 -10.07 20.12 6.11
CA PRO B 152 -11.14 20.61 6.99
C PRO B 152 -10.93 20.45 8.50
N LEU B 153 -10.46 19.28 8.93
CA LEU B 153 -10.23 19.06 10.37
C LEU B 153 -9.10 19.95 10.87
N GLY B 154 -8.11 20.18 10.02
CA GLY B 154 -7.00 21.03 10.39
C GLY B 154 -7.51 22.45 10.53
N ILE B 155 -8.37 22.86 9.60
CA ILE B 155 -8.94 24.21 9.62
C ILE B 155 -9.72 24.42 10.92
N LEU B 156 -10.54 23.44 11.28
CA LEU B 156 -11.32 23.53 12.51
C LEU B 156 -10.42 23.60 13.73
N SER B 157 -9.34 22.81 13.72
CA SER B 157 -8.43 22.83 14.87
C SER B 157 -7.78 24.20 15.03
N SER B 158 -7.40 24.82 13.92
CA SER B 158 -6.77 26.14 13.96
C SER B 158 -7.77 27.16 14.48
N ALA B 159 -8.98 27.14 13.95
CA ALA B 159 -10.02 28.07 14.34
C ALA B 159 -10.43 27.89 15.81
N SER B 160 -10.50 26.66 16.27
CA SER B 160 -10.92 26.37 17.65
C SER B 160 -9.81 26.57 18.68
N GLY B 161 -8.57 26.68 18.22
CA GLY B 161 -7.47 26.90 19.14
C GLY B 161 -6.72 25.70 19.71
N ASN B 162 -6.93 24.50 19.16
CA ASN B 162 -6.22 23.34 19.67
C ASN B 162 -5.54 22.61 18.52
N THR B 163 -4.21 22.56 18.57
CA THR B 163 -3.41 21.94 17.52
C THR B 163 -3.36 20.40 17.53
N SER B 164 -3.90 19.78 18.59
CA SER B 164 -3.90 18.33 18.69
C SER B 164 -5.07 17.80 17.87
N VAL B 165 -4.98 17.96 16.55
CA VAL B 165 -6.05 17.56 15.64
C VAL B 165 -6.67 16.20 15.89
N LEU B 166 -5.86 15.16 15.80
CA LEU B 166 -6.37 13.81 16.01
C LEU B 166 -6.78 13.48 17.43
N GLU B 167 -5.95 13.86 18.39
CA GLU B 167 -6.24 13.56 19.80
C GLU B 167 -7.60 14.06 20.25
N VAL B 168 -7.99 15.25 19.80
CA VAL B 168 -9.31 15.76 20.18
C VAL B 168 -10.38 14.91 19.51
N HIS B 169 -10.12 14.52 18.26
CA HIS B 169 -11.03 13.69 17.50
C HIS B 169 -11.23 12.34 18.19
N HIS B 170 -10.13 11.73 18.65
CA HIS B 170 -10.22 10.44 19.33
C HIS B 170 -11.07 10.58 20.60
N CYS B 171 -10.88 11.68 21.33
CA CYS B 171 -11.65 11.92 22.55
C CYS B 171 -13.13 12.06 22.25
N ASN B 172 -13.46 12.78 21.18
CA ASN B 172 -14.85 12.97 20.78
C ASN B 172 -15.51 11.60 20.57
N LEU B 173 -14.82 10.71 19.86
CA LEU B 173 -15.37 9.40 19.59
C LEU B 173 -15.44 8.50 20.82
N ALA B 174 -14.52 8.67 21.76
CA ALA B 174 -14.53 7.87 22.98
C ALA B 174 -15.77 8.26 23.77
N VAL B 175 -16.06 9.56 23.81
CA VAL B 175 -17.23 10.06 24.52
C VAL B 175 -18.50 9.53 23.84
N GLU B 176 -18.47 9.48 22.51
CA GLU B 176 -19.61 8.97 21.75
C GLU B 176 -19.89 7.51 22.13
N ILE B 177 -18.84 6.70 22.16
CA ILE B 177 -19.00 5.29 22.51
C ILE B 177 -19.54 5.10 23.92
N LEU B 178 -19.06 5.90 24.86
CA LEU B 178 -19.49 5.81 26.25
C LEU B 178 -20.88 6.37 26.52
N SER B 179 -21.48 7.01 25.51
CA SER B 179 -22.81 7.58 25.66
C SER B 179 -23.85 6.47 25.62
N ASP B 180 -23.46 5.31 25.10
CA ASP B 180 -24.34 4.16 25.01
C ASP B 180 -24.22 3.38 26.33
N PRO B 181 -25.30 3.32 27.11
CA PRO B 181 -25.26 2.59 28.38
C PRO B 181 -24.77 1.15 28.26
N GLU B 182 -25.01 0.54 27.10
CA GLU B 182 -24.59 -0.84 26.85
C GLU B 182 -23.09 -1.01 26.68
N SER B 183 -22.38 0.10 26.49
CA SER B 183 -20.94 0.05 26.32
C SER B 183 -20.22 1.06 27.21
N ASP B 184 -20.93 1.58 28.21
CA ASP B 184 -20.35 2.55 29.12
C ASP B 184 -19.67 1.82 30.27
N VAL B 185 -18.37 1.57 30.13
CA VAL B 185 -17.62 0.87 31.16
C VAL B 185 -17.50 1.66 32.47
N PHE B 186 -17.94 2.91 32.45
CA PHE B 186 -17.88 3.78 33.62
C PHE B 186 -19.27 4.02 34.24
N ASP B 187 -20.29 3.34 33.72
CA ASP B 187 -21.65 3.52 34.22
C ASP B 187 -21.84 3.12 35.68
N GLY B 188 -20.98 2.22 36.15
CA GLY B 188 -21.07 1.78 37.54
C GLY B 188 -20.44 2.75 38.51
N LEU B 189 -19.94 3.87 37.98
CA LEU B 189 -19.31 4.89 38.80
C LEU B 189 -20.26 6.07 39.03
N GLU B 190 -20.01 6.83 40.09
CA GLU B 190 -20.84 7.97 40.42
C GLU B 190 -20.00 9.09 41.04
N GLY B 191 -20.56 10.29 41.06
CA GLY B 191 -19.87 11.43 41.66
C GLY B 191 -18.47 11.69 41.14
N ALA B 192 -17.56 11.99 42.07
CA ALA B 192 -16.18 12.29 41.76
C ALA B 192 -15.45 11.19 40.98
N GLU B 193 -15.78 9.93 41.27
CA GLU B 193 -15.12 8.84 40.56
C GLU B 193 -15.46 8.83 39.08
N ARG B 194 -16.74 9.00 38.74
CA ARG B 194 -17.14 9.01 37.34
C ARG B 194 -16.49 10.20 36.63
N THR B 195 -16.46 11.35 37.31
CA THR B 195 -15.85 12.54 36.72
C THR B 195 -14.34 12.32 36.51
N LEU B 196 -13.68 11.69 37.47
CA LEU B 196 -12.25 11.44 37.35
C LEU B 196 -11.97 10.48 36.20
N ALA B 197 -12.82 9.48 36.04
CA ALA B 197 -12.64 8.51 34.96
C ALA B 197 -12.65 9.21 33.61
N PHE B 198 -13.64 10.06 33.38
CA PHE B 198 -13.72 10.78 32.11
C PHE B 198 -12.60 11.80 31.94
N ARG B 199 -12.34 12.59 32.97
CA ARG B 199 -11.30 13.61 32.86
C ARG B 199 -9.90 13.00 32.70
N SER B 200 -9.61 11.95 33.46
CA SER B 200 -8.30 11.31 33.35
C SER B 200 -8.16 10.65 31.99
N MET B 201 -9.22 10.02 31.51
CA MET B 201 -9.19 9.37 30.18
C MET B 201 -8.85 10.40 29.12
N ILE B 202 -9.57 11.51 29.14
CA ILE B 202 -9.37 12.57 28.16
C ILE B 202 -8.00 13.22 28.30
N ASP B 203 -7.55 13.48 29.52
CA ASP B 203 -6.23 14.08 29.73
C ASP B 203 -5.16 13.18 29.14
N CYS B 204 -5.31 11.87 29.34
CA CYS B 204 -4.32 10.94 28.83
C CYS B 204 -4.28 10.91 27.30
N VAL B 205 -5.44 10.85 26.66
CA VAL B 205 -5.45 10.84 25.19
C VAL B 205 -4.82 12.12 24.65
N LEU B 206 -5.18 13.26 25.22
CA LEU B 206 -4.63 14.53 24.75
C LEU B 206 -3.11 14.57 24.94
N ALA B 207 -2.62 13.86 25.95
CA ALA B 207 -1.21 13.83 26.25
C ALA B 207 -0.40 12.99 25.26
N THR B 208 -1.08 12.24 24.39
CA THR B 208 -0.35 11.41 23.43
C THR B 208 0.13 12.21 22.21
N ASP B 209 -0.26 13.47 22.12
CA ASP B 209 0.21 14.31 21.01
C ASP B 209 1.70 14.51 21.27
N MET B 210 2.56 13.96 20.40
CA MET B 210 3.99 14.09 20.59
C MET B 210 4.52 15.51 20.64
N ALA B 211 3.67 16.47 20.29
CA ALA B 211 4.05 17.88 20.31
C ALA B 211 4.16 18.32 21.77
N LYS B 212 3.58 17.54 22.67
CA LYS B 212 3.60 17.83 24.09
C LYS B 212 4.56 16.89 24.82
N HIS B 213 5.28 16.08 24.07
CA HIS B 213 6.21 15.11 24.65
C HIS B 213 7.14 15.72 25.69
N GLY B 214 7.85 16.76 25.30
CA GLY B 214 8.78 17.43 26.21
C GLY B 214 8.18 17.94 27.49
N SER B 215 7.09 18.71 27.38
CA SER B 215 6.43 19.27 28.55
C SER B 215 5.83 18.18 29.44
N ALA B 216 5.28 17.14 28.82
CA ALA B 216 4.68 16.04 29.56
C ALA B 216 5.75 15.34 30.40
N LEU B 217 6.87 15.01 29.77
CA LEU B 217 7.97 14.34 30.44
C LEU B 217 8.53 15.21 31.56
N GLU B 218 8.69 16.50 31.28
CA GLU B 218 9.21 17.44 32.27
C GLU B 218 8.23 17.59 33.44
N ALA B 219 6.95 17.70 33.14
CA ALA B 219 5.93 17.85 34.17
C ALA B 219 5.87 16.61 35.05
N PHE B 220 6.15 15.44 34.47
CA PHE B 220 6.13 14.21 35.24
C PHE B 220 7.35 14.15 36.16
N LEU B 221 8.53 14.36 35.58
CA LEU B 221 9.77 14.33 36.34
C LEU B 221 9.72 15.33 37.49
N ALA B 222 9.09 16.47 37.25
CA ALA B 222 8.96 17.50 38.28
C ALA B 222 7.98 17.05 39.35
N SER B 223 6.88 16.46 38.92
CA SER B 223 5.85 15.98 39.84
C SER B 223 6.37 14.78 40.62
N ALA B 224 7.35 14.09 40.06
CA ALA B 224 7.94 12.91 40.70
C ALA B 224 9.08 13.30 41.62
N ALA B 225 9.92 14.22 41.17
CA ALA B 225 11.06 14.69 41.96
C ALA B 225 10.58 15.34 43.25
N ASP B 226 10.27 16.64 43.17
CA ASP B 226 9.79 17.39 44.32
C ASP B 226 8.82 16.54 45.13
N GLN B 227 9.21 16.17 46.35
CA GLN B 227 8.36 15.36 47.21
C GLN B 227 7.24 16.17 47.84
N SER B 228 7.42 17.49 47.86
CA SER B 228 6.40 18.39 48.41
C SER B 228 5.37 18.62 47.30
N SER B 229 5.40 17.73 46.31
CA SER B 229 4.49 17.79 45.18
C SER B 229 3.08 17.35 45.53
N ASP B 230 2.12 17.82 44.75
CA ASP B 230 0.72 17.48 44.94
C ASP B 230 0.52 16.03 44.51
N GLU B 231 0.03 15.20 45.42
CA GLU B 231 -0.20 13.79 45.12
C GLU B 231 -1.14 13.60 43.93
N ALA B 232 -2.20 14.42 43.88
CA ALA B 232 -3.17 14.33 42.79
C ALA B 232 -2.49 14.61 41.46
N ALA B 233 -1.60 15.58 41.44
CA ALA B 233 -0.86 15.94 40.23
C ALA B 233 0.03 14.78 39.79
N PHE B 234 0.69 14.16 40.76
CA PHE B 234 1.58 13.04 40.48
C PHE B 234 0.80 11.87 39.88
N HIS B 235 -0.38 11.59 40.44
CA HIS B 235 -1.20 10.51 39.92
C HIS B 235 -1.61 10.77 38.47
N ARG B 236 -2.10 11.97 38.17
CA ARG B 236 -2.53 12.26 36.80
C ARG B 236 -1.35 12.22 35.83
N MET B 237 -0.20 12.76 36.24
CA MET B 237 0.98 12.76 35.39
C MET B 237 1.53 11.35 35.17
N THR B 238 1.41 10.50 36.17
CA THR B 238 1.87 9.12 36.05
C THR B 238 0.98 8.42 35.02
N MET B 239 -0.33 8.68 35.07
CA MET B 239 -1.24 8.08 34.11
C MET B 239 -0.88 8.52 32.68
N GLU B 240 -0.66 9.82 32.50
CA GLU B 240 -0.31 10.34 31.19
C GLU B 240 1.03 9.77 30.68
N ILE B 241 2.00 9.64 31.58
CA ILE B 241 3.30 9.12 31.22
C ILE B 241 3.23 7.64 30.86
N ILE B 242 2.34 6.90 31.51
CA ILE B 242 2.20 5.48 31.23
C ILE B 242 1.52 5.26 29.89
N LEU B 243 0.50 6.05 29.56
CA LEU B 243 -0.14 5.87 28.25
C LEU B 243 0.89 6.25 27.18
N LYS B 244 1.65 7.32 27.42
CA LYS B 244 2.68 7.75 26.47
C LYS B 244 3.71 6.66 26.29
N ALA B 245 4.16 6.08 27.41
CA ALA B 245 5.16 5.02 27.37
C ALA B 245 4.65 3.83 26.56
N GLY B 246 3.38 3.48 26.78
CA GLY B 246 2.81 2.37 26.04
C GLY B 246 2.73 2.68 24.56
N ASP B 247 2.40 3.93 24.23
CA ASP B 247 2.26 4.38 22.86
C ASP B 247 3.56 4.31 22.07
N ILE B 248 4.70 4.54 22.73
CA ILE B 248 5.99 4.47 22.03
C ILE B 248 6.83 3.28 22.52
N SER B 249 6.15 2.24 22.98
CA SER B 249 6.81 1.06 23.51
C SER B 249 7.31 0.04 22.48
N ASN B 250 7.05 0.27 21.20
CA ASN B 250 7.49 -0.68 20.18
C ASN B 250 8.97 -1.04 20.28
N VAL B 251 9.81 -0.06 20.58
CA VAL B 251 11.24 -0.30 20.67
C VAL B 251 11.67 -1.06 21.93
N THR B 252 10.73 -1.34 22.84
CA THR B 252 11.08 -2.05 24.07
C THR B 252 10.72 -3.53 24.04
N LYS B 253 10.30 -4.02 22.86
CA LYS B 253 9.90 -5.41 22.72
C LYS B 253 10.99 -6.29 22.13
N PRO B 254 10.83 -7.62 22.23
CA PRO B 254 11.83 -8.53 21.67
C PRO B 254 12.06 -8.08 20.22
N PHE B 255 13.31 -8.10 19.77
CA PHE B 255 13.62 -7.62 18.43
C PHE B 255 12.68 -8.01 17.29
N ASP B 256 12.38 -9.29 17.15
CA ASP B 256 11.52 -9.70 16.05
C ASP B 256 10.18 -8.98 16.05
N ILE B 257 9.63 -8.78 17.24
CA ILE B 257 8.36 -8.09 17.40
C ILE B 257 8.55 -6.60 17.07
N SER B 258 9.58 -6.00 17.65
CA SER B 258 9.89 -4.60 17.42
C SER B 258 10.08 -4.33 15.93
N ARG B 259 10.75 -5.26 15.25
CA ARG B 259 11.01 -5.14 13.82
C ARG B 259 9.71 -5.08 13.02
N GLN B 260 8.77 -5.96 13.35
CA GLN B 260 7.50 -5.97 12.64
C GLN B 260 6.70 -4.69 12.85
N TRP B 261 6.73 -4.14 14.06
CA TRP B 261 6.02 -2.89 14.34
C TRP B 261 6.64 -1.78 13.50
N ALA B 262 7.97 -1.78 13.41
CA ALA B 262 8.69 -0.77 12.65
C ALA B 262 8.32 -0.81 11.17
N MET B 263 8.18 -2.03 10.63
CA MET B 263 7.81 -2.18 9.23
C MET B 263 6.43 -1.56 9.00
N ALA B 264 5.52 -1.80 9.95
CA ALA B 264 4.16 -1.29 9.88
C ALA B 264 4.06 0.22 9.94
N VAL B 265 4.77 0.83 10.89
CA VAL B 265 4.72 2.28 11.03
C VAL B 265 5.37 2.96 9.82
N THR B 266 6.45 2.37 9.32
CA THR B 266 7.17 2.92 8.17
C THR B 266 6.28 2.94 6.91
N GLU B 267 5.53 1.87 6.69
CA GLU B 267 4.63 1.79 5.53
C GLU B 267 3.55 2.85 5.65
N GLU B 268 3.01 3.04 6.85
CA GLU B 268 1.97 4.04 7.02
C GLU B 268 2.54 5.42 6.76
N PHE B 269 3.74 5.69 7.26
CA PHE B 269 4.39 6.99 7.04
C PHE B 269 4.58 7.23 5.54
N TYR B 270 5.05 6.18 4.85
CA TYR B 270 5.27 6.27 3.41
C TYR B 270 3.98 6.59 2.66
N ARG B 271 2.86 6.04 3.13
CA ARG B 271 1.58 6.31 2.48
C ARG B 271 1.17 7.76 2.71
N GLN B 272 1.57 8.34 3.84
CA GLN B 272 1.23 9.74 4.09
C GLN B 272 2.07 10.58 3.12
N GLY B 273 3.33 10.18 2.97
CA GLY B 273 4.21 10.88 2.07
C GLY B 273 3.68 10.86 0.66
N ASP B 274 3.11 9.71 0.24
CA ASP B 274 2.55 9.60 -1.10
C ASP B 274 1.38 10.54 -1.26
N MET B 275 0.52 10.63 -0.24
CA MET B 275 -0.62 11.52 -0.31
C MET B 275 -0.16 12.98 -0.31
N GLU B 276 0.93 13.26 0.38
CA GLU B 276 1.46 14.62 0.42
C GLU B 276 1.99 15.01 -0.96
N LYS B 277 2.58 14.04 -1.67
CA LYS B 277 3.09 14.33 -3.02
C LYS B 277 1.90 14.65 -3.92
N GLU B 278 0.78 13.96 -3.71
CA GLU B 278 -0.43 14.19 -4.51
C GLU B 278 -1.02 15.57 -4.21
N ARG B 279 -0.90 16.01 -2.96
CA ARG B 279 -1.42 17.32 -2.57
C ARG B 279 -0.42 18.43 -2.86
N GLY B 280 0.79 18.03 -3.27
CA GLY B 280 1.82 19.01 -3.58
C GLY B 280 2.42 19.72 -2.39
N VAL B 281 2.44 19.06 -1.23
CA VAL B 281 3.02 19.67 -0.03
C VAL B 281 4.35 19.03 0.33
N GLU B 282 5.02 19.62 1.31
CA GLU B 282 6.32 19.15 1.77
C GLU B 282 6.30 17.72 2.32
N VAL B 283 7.25 16.91 1.87
CA VAL B 283 7.37 15.54 2.35
C VAL B 283 8.68 15.40 3.11
N LEU B 284 8.59 15.16 4.41
CA LEU B 284 9.78 15.00 5.24
C LEU B 284 10.44 13.66 4.90
N PRO B 285 11.77 13.59 4.99
CA PRO B 285 12.53 12.37 4.69
C PRO B 285 11.94 11.10 5.30
N MET B 286 11.50 11.19 6.55
CA MET B 286 10.92 10.05 7.25
C MET B 286 9.71 9.46 6.54
N PHE B 287 9.00 10.29 5.78
CA PHE B 287 7.80 9.85 5.07
C PHE B 287 8.04 9.69 3.57
N ASP B 288 9.28 9.89 3.13
CA ASP B 288 9.63 9.79 1.71
C ASP B 288 10.00 8.37 1.29
N ARG B 289 9.04 7.66 0.71
CA ARG B 289 9.23 6.28 0.28
C ARG B 289 10.31 6.18 -0.81
N SER B 290 10.43 7.23 -1.62
CA SER B 290 11.40 7.27 -2.70
C SER B 290 12.84 7.07 -2.23
N LYS B 291 13.22 7.76 -1.16
CA LYS B 291 14.57 7.65 -0.63
C LYS B 291 15.01 6.22 -0.35
N ASN B 292 14.06 5.29 -0.32
CA ASN B 292 14.37 3.89 -0.06
C ASN B 292 15.40 3.81 1.08
N MET B 293 15.00 4.33 2.24
CA MET B 293 15.87 4.36 3.41
C MET B 293 15.93 3.01 4.12
N GLU B 294 16.94 2.86 4.97
CA GLU B 294 17.13 1.64 5.74
C GLU B 294 16.20 1.67 6.95
N LEU B 295 15.42 0.62 7.13
CA LEU B 295 14.50 0.54 8.26
C LEU B 295 15.27 0.74 9.56
N ALA B 296 16.46 0.13 9.64
CA ALA B 296 17.32 0.22 10.81
C ALA B 296 17.71 1.65 11.19
N LYS B 297 17.96 2.48 10.19
CA LYS B 297 18.36 3.86 10.44
C LYS B 297 17.28 4.67 11.15
N GLY B 298 16.03 4.46 10.76
CA GLY B 298 14.94 5.20 11.38
C GLY B 298 14.71 4.79 12.82
N GLN B 299 14.87 3.50 13.11
CA GLN B 299 14.69 3.00 14.46
C GLN B 299 15.79 3.47 15.40
N ILE B 300 17.04 3.41 14.94
CA ILE B 300 18.16 3.86 15.76
C ILE B 300 17.97 5.34 16.07
N GLY B 301 17.49 6.11 15.09
CA GLY B 301 17.29 7.53 15.29
C GLY B 301 16.22 7.79 16.35
N PHE B 302 15.08 7.12 16.24
CA PHE B 302 14.00 7.30 17.21
C PHE B 302 14.51 6.90 18.60
N ILE B 303 15.32 5.83 18.65
CA ILE B 303 15.87 5.37 19.91
C ILE B 303 16.75 6.44 20.56
N ASP B 304 17.70 6.98 19.79
CA ASP B 304 18.62 7.99 20.31
C ASP B 304 17.99 9.31 20.74
N PHE B 305 17.12 9.87 19.91
CA PHE B 305 16.51 11.16 20.23
C PHE B 305 15.20 11.15 21.01
N VAL B 306 14.49 10.03 20.99
CA VAL B 306 13.21 9.98 21.69
C VAL B 306 13.05 8.90 22.75
N ALA B 307 13.02 7.64 22.33
CA ALA B 307 12.81 6.52 23.23
C ALA B 307 13.82 6.29 24.36
N ALA B 308 15.10 6.17 24.02
CA ALA B 308 16.11 5.94 25.05
C ALA B 308 16.06 6.99 26.17
N PRO B 309 16.09 8.27 25.81
CA PRO B 309 16.05 9.31 26.86
C PRO B 309 14.77 9.25 27.70
N PHE B 310 13.65 9.02 27.03
CA PHE B 310 12.36 8.96 27.70
C PHE B 310 12.28 7.85 28.75
N PHE B 311 12.53 6.61 28.33
CA PHE B 311 12.47 5.49 29.25
C PHE B 311 13.52 5.52 30.35
N GLN B 312 14.74 5.96 30.02
CA GLN B 312 15.79 6.03 31.02
C GLN B 312 15.41 7.04 32.10
N LYS B 313 14.87 8.18 31.68
CA LYS B 313 14.49 9.23 32.63
C LYS B 313 13.32 8.86 33.54
N ILE B 314 12.27 8.26 33.00
CA ILE B 314 11.14 7.91 33.86
C ILE B 314 11.47 6.74 34.78
N VAL B 315 12.35 5.85 34.32
CA VAL B 315 12.75 4.71 35.14
C VAL B 315 13.61 5.18 36.31
N ASP B 316 14.60 6.03 36.02
CA ASP B 316 15.49 6.52 37.07
C ASP B 316 14.79 7.45 38.05
N ALA B 317 13.84 8.23 37.56
CA ALA B 317 13.12 9.17 38.40
C ALA B 317 12.07 8.55 39.30
N CYS B 318 11.51 7.42 38.89
CA CYS B 318 10.45 6.83 39.72
C CYS B 318 10.06 5.39 39.42
N LEU B 319 9.94 5.06 38.15
CA LEU B 319 9.50 3.73 37.73
C LEU B 319 10.62 2.71 37.59
N GLN B 320 11.30 2.41 38.69
CA GLN B 320 12.41 1.46 38.70
C GLN B 320 12.02 0.07 38.19
N GLY B 321 10.77 -0.32 38.42
CA GLY B 321 10.31 -1.63 37.98
C GLY B 321 10.29 -1.82 36.48
N MET B 322 10.40 -0.73 35.72
CA MET B 322 10.37 -0.81 34.27
C MET B 322 11.77 -0.81 33.65
N GLN B 323 12.79 -1.11 34.45
CA GLN B 323 14.16 -1.13 33.96
C GLN B 323 14.36 -1.98 32.69
N TRP B 324 13.58 -3.05 32.54
CA TRP B 324 13.72 -3.92 31.37
C TRP B 324 13.51 -3.18 30.05
N THR B 325 12.72 -2.12 30.07
CA THR B 325 12.47 -1.37 28.84
C THR B 325 13.75 -0.73 28.36
N VAL B 326 14.52 -0.21 29.30
CA VAL B 326 15.80 0.42 28.97
C VAL B 326 16.76 -0.64 28.45
N ASP B 327 16.80 -1.79 29.11
CA ASP B 327 17.69 -2.86 28.68
C ASP B 327 17.35 -3.32 27.27
N ARG B 328 16.06 -3.50 26.97
CA ARG B 328 15.65 -3.96 25.65
C ARG B 328 15.93 -2.92 24.56
N ILE B 329 15.74 -1.64 24.86
CA ILE B 329 16.01 -0.60 23.87
C ILE B 329 17.47 -0.68 23.46
N LYS B 330 18.36 -0.74 24.44
CA LYS B 330 19.80 -0.81 24.16
C LYS B 330 20.11 -2.07 23.38
N SER B 331 19.45 -3.16 23.75
CA SER B 331 19.64 -4.44 23.09
C SER B 331 19.21 -4.36 21.62
N ASN B 332 18.06 -3.74 21.37
CA ASN B 332 17.55 -3.61 20.01
C ASN B 332 18.40 -2.66 19.17
N ARG B 333 18.90 -1.59 19.79
CA ARG B 333 19.71 -0.64 19.06
C ARG B 333 20.96 -1.37 18.53
N ALA B 334 21.56 -2.17 19.39
CA ALA B 334 22.75 -2.93 19.01
C ALA B 334 22.44 -3.84 17.82
N GLN B 335 21.27 -4.48 17.85
CA GLN B 335 20.89 -5.38 16.77
C GLN B 335 20.60 -4.63 15.47
N TRP B 336 20.07 -3.41 15.58
CA TRP B 336 19.79 -2.62 14.37
C TRP B 336 21.13 -2.28 13.72
N GLU B 337 22.15 -2.04 14.55
CA GLU B 337 23.47 -1.72 14.04
C GLU B 337 24.02 -2.92 13.26
N ARG B 338 23.82 -4.11 13.80
CA ARG B 338 24.27 -5.33 13.14
C ARG B 338 23.55 -5.54 11.82
N VAL B 339 22.29 -5.13 11.76
CA VAL B 339 21.50 -5.26 10.55
C VAL B 339 22.15 -4.47 9.43
N LEU B 340 22.62 -3.27 9.75
CA LEU B 340 23.28 -2.41 8.76
C LEU B 340 24.67 -2.98 8.48
N GLU B 341 25.35 -3.37 9.56
CA GLU B 341 26.69 -3.93 9.48
C GLU B 341 26.71 -5.19 8.61
N THR B 342 26.27 -6.31 9.19
CA THR B 342 26.24 -7.58 8.48
C THR B 342 25.34 -7.49 7.24
N ARG B 343 25.97 -7.30 6.09
CA ARG B 343 25.25 -7.21 4.82
C ARG B 343 26.21 -7.03 3.66
#